data_4EZ6
#
_entry.id   4EZ6
#
_cell.length_a   93.740
_cell.length_b   109.510
_cell.length_c   149.800
_cell.angle_alpha   90.00
_cell.angle_beta   90.00
_cell.angle_gamma   90.00
#
_symmetry.space_group_name_H-M   'P 21 21 21'
#
loop_
_entity.id
_entity.type
_entity.pdbx_description
1 polymer 'DNA polymerase'
2 polymer "DNA (5'-D(*CP*CP*TP*GP*AP*CP*TP*CP*(DDG))-3')"
3 polymer "DNA (5'-D(*CP*AP*TP*GP*CP*GP*AP*GP*TP*CP*AP*GP*G)-3')"
4 non-polymer "2'-3'-DIDEOXYGUANOSINE-5'-TRIPHOSPHATE"
5 non-polymer (4S)-2-METHYL-2,4-PENTANEDIOL
6 non-polymer 'SULFATE ION'
7 water water
#
loop_
_entity_poly.entity_id
_entity_poly.type
_entity_poly.pdbx_seq_one_letter_code
_entity_poly.pdbx_strand_id
1 'polypeptide(L)'
;MESPSSEEEKPLAKMAFTLADRVTEEMLADKAALVVEVVEENYHDAPIVGIAVVNEHGRFFLRPETALADPQFVAWLGDE
TKKKSMFDSKRAAVALKWKGIELCGVSFDLLLAAYLLDPAQGVDDVAAAAKMKQYEAVRPDEAVYGKGAKRAVPDEPVLA
EHLVRKAAAIWELERPFLDELRRNEQDRLLVELEQPLSSILAEMEFAGVKVDTKRLEQMGKELAEQLGTVEQRIYELAGQ
EFNINSPKQLGVILFEKLQLPVLKKTKTGYSTSADVLEKLAPYHEIVENILHYRQLGKLQSTYIEGLLKVVRPATKKVHT
IFNQALTQTGRLSSTEPNLQNIPIRLEEGRKIRQAFVPSESDWLIFAADYSQIELRVLAHIAEDDNLMEAFRRDLDIHTK
TAMDIFQVSEDEVTPNMRRQAKAVNYGIVYGISDYGLAQNLNISRKEAAEFIERYFESFPGVKRYMENIVQEAKQKGYVT
TLLHRRRYLPDITSRNFNVRSFAERMAMNTPIQGSAADIIKKAMIDLNARLKEERLQAHLLLQVHDELILEAPKEEMERL
CRLVPEVMEQAVTLRVPLKVDYHYGSTWYDAK
;
A,D
2 'polydeoxyribonucleotide' (DC)(DC)(DT)(DG)(DA)(DC)(DT)(DC)(DDG) B,E
3 'polydeoxyribonucleotide' (DC)(DA)(DT)(DG)(DC)(DG)(DA)(DG)(DT)(DC)(DA)(DG)(DG) C,F
#
loop_
_chem_comp.id
_chem_comp.type
_chem_comp.name
_chem_comp.formula
DA DNA linking 2'-DEOXYADENOSINE-5'-MONOPHOSPHATE 'C10 H14 N5 O6 P'
DC DNA linking 2'-DEOXYCYTIDINE-5'-MONOPHOSPHATE 'C9 H14 N3 O7 P'
DDG DNA linking 2',3'-DIDEOXY-GUANOSINE-5'-MONOPHOSPHATE 'C10 H14 N5 O6 P'
DG DNA linking 2'-DEOXYGUANOSINE-5'-MONOPHOSPHATE 'C10 H14 N5 O7 P'
DG3 non-polymer 2'-3'-DIDEOXYGUANOSINE-5'-TRIPHOSPHATE 'C10 H16 N5 O12 P3'
DT DNA linking THYMIDINE-5'-MONOPHOSPHATE 'C10 H15 N2 O8 P'
MPD non-polymer (4S)-2-METHYL-2,4-PENTANEDIOL 'C6 H14 O2'
SO4 non-polymer 'SULFATE ION' 'O4 S -2'
#
# COMPACT_ATOMS: atom_id res chain seq x y z
N ALA A 13 1.10 27.94 -6.08
CA ALA A 13 2.33 28.18 -6.83
C ALA A 13 2.76 29.64 -6.71
N LYS A 14 2.96 30.11 -5.48
CA LYS A 14 3.36 31.49 -5.21
C LYS A 14 4.42 31.55 -4.11
N MET A 15 5.70 31.59 -4.47
CA MET A 15 6.76 31.38 -3.48
C MET A 15 7.90 32.39 -3.45
N ALA A 16 7.92 33.18 -2.37
CA ALA A 16 8.93 34.21 -2.17
C ALA A 16 10.30 33.61 -1.87
N PHE A 17 11.34 34.22 -2.45
CA PHE A 17 12.71 33.86 -2.13
C PHE A 17 13.62 35.00 -2.53
N THR A 18 14.83 35.00 -1.99
CA THR A 18 15.84 36.02 -2.31
C THR A 18 16.82 35.49 -3.34
N LEU A 19 16.92 36.18 -4.46
CA LEU A 19 17.99 35.93 -5.41
C LEU A 19 19.18 36.73 -4.91
N ALA A 20 20.13 36.05 -4.28
CA ALA A 20 21.18 36.74 -3.54
C ALA A 20 22.42 37.04 -4.40
N ASP A 21 23.06 38.16 -4.09
CA ASP A 21 24.29 38.56 -4.78
C ASP A 21 25.52 38.13 -3.99
N ARG A 22 25.33 37.88 -2.69
CA ARG A 22 26.39 37.40 -1.84
C ARG A 22 25.84 36.52 -0.73
N VAL A 23 26.72 35.69 -0.16
CA VAL A 23 26.38 34.84 0.98
C VAL A 23 26.23 35.65 2.26
N THR A 24 25.20 35.34 3.06
CA THR A 24 25.01 36.00 4.34
C THR A 24 24.96 34.99 5.49
N GLU A 25 25.11 35.49 6.71
CA GLU A 25 25.12 34.63 7.89
C GLU A 25 23.86 33.76 8.00
N GLU A 26 22.70 34.31 7.65
CA GLU A 26 21.46 33.56 7.84
C GLU A 26 21.33 32.41 6.84
N MET A 27 22.19 32.36 5.84
CA MET A 27 22.16 31.25 4.89
C MET A 27 22.90 30.03 5.44
N LEU A 28 23.63 30.22 6.54
CA LEU A 28 24.56 29.23 7.05
C LEU A 28 24.03 28.66 8.37
N ALA A 29 22.72 28.47 8.42
CA ALA A 29 22.04 27.89 9.57
C ALA A 29 22.45 26.45 9.81
N ASP A 30 22.22 25.96 11.03
CA ASP A 30 22.62 24.59 11.37
C ASP A 30 21.68 23.53 10.82
N LYS A 31 20.55 23.94 10.24
CA LYS A 31 19.68 22.99 9.51
C LYS A 31 19.17 23.63 8.23
N ALA A 32 19.36 22.96 7.08
CA ALA A 32 18.87 23.51 5.82
C ALA A 32 18.52 22.45 4.81
N ALA A 33 17.61 22.78 3.91
CA ALA A 33 17.51 22.03 2.64
C ALA A 33 18.47 22.69 1.66
N LEU A 34 19.26 21.87 0.98
CA LEU A 34 20.31 22.36 0.09
C LEU A 34 20.14 21.74 -1.29
N VAL A 35 20.23 22.57 -2.34
CA VAL A 35 20.20 22.06 -3.71
C VAL A 35 21.45 22.56 -4.41
N VAL A 36 22.22 21.63 -4.95
CA VAL A 36 23.43 21.93 -5.69
C VAL A 36 23.22 21.35 -7.05
N GLU A 37 22.83 22.16 -8.02
CA GLU A 37 22.18 21.64 -9.23
C GLU A 37 23.17 21.34 -10.35
N VAL A 38 23.13 20.09 -10.78
CA VAL A 38 23.91 19.59 -11.89
C VAL A 38 22.91 18.98 -12.87
N VAL A 39 22.92 19.48 -14.10
CA VAL A 39 21.88 19.14 -15.08
C VAL A 39 22.23 17.89 -15.90
N GLU A 40 23.52 17.71 -16.17
CA GLU A 40 23.98 16.57 -16.95
C GLU A 40 23.78 15.27 -16.16
N GLU A 41 23.37 14.21 -16.85
CA GLU A 41 23.08 12.95 -16.18
C GLU A 41 24.36 12.40 -15.57
N ASN A 42 25.46 12.50 -16.31
CA ASN A 42 26.76 12.12 -15.75
C ASN A 42 27.36 13.31 -15.06
N TYR A 43 27.37 13.24 -13.74
CA TYR A 43 27.75 14.38 -12.94
C TYR A 43 29.26 14.52 -12.72
N HIS A 44 30.07 13.60 -13.25
CA HIS A 44 31.53 13.74 -13.10
C HIS A 44 32.02 14.94 -13.89
N ASP A 45 32.65 15.86 -13.16
CA ASP A 45 33.24 17.08 -13.69
C ASP A 45 32.22 17.90 -14.48
N ALA A 46 30.98 17.90 -14.01
CA ALA A 46 29.87 18.59 -14.68
C ALA A 46 29.62 19.92 -14.01
N PRO A 47 29.13 20.89 -14.79
CA PRO A 47 28.90 22.22 -14.20
C PRO A 47 27.88 22.19 -13.11
N ILE A 48 28.15 22.92 -12.03
CA ILE A 48 27.11 23.25 -11.06
C ILE A 48 26.49 24.55 -11.55
N VAL A 49 25.18 24.54 -11.81
CA VAL A 49 24.55 25.68 -12.46
C VAL A 49 23.78 26.62 -11.54
N GLY A 50 23.55 26.20 -10.30
CA GLY A 50 22.85 27.05 -9.35
C GLY A 50 22.75 26.36 -8.01
N ILE A 51 22.57 27.14 -6.95
CA ILE A 51 22.46 26.60 -5.61
C ILE A 51 21.22 27.19 -4.96
N ALA A 52 20.55 26.40 -4.14
CA ALA A 52 19.43 26.92 -3.35
C ALA A 52 19.50 26.41 -1.91
N VAL A 53 19.11 27.29 -0.99
CA VAL A 53 19.14 27.00 0.44
C VAL A 53 17.82 27.46 1.03
N VAL A 54 17.16 26.56 1.75
CA VAL A 54 15.96 26.89 2.50
C VAL A 54 16.18 26.50 3.95
N ASN A 55 15.94 27.42 4.87
CA ASN A 55 16.15 27.13 6.27
C ASN A 55 15.15 27.96 7.08
N GLU A 56 15.28 27.96 8.39
CA GLU A 56 14.35 28.68 9.27
C GLU A 56 14.18 30.14 8.86
N HIS A 57 15.26 30.73 8.35
CA HIS A 57 15.30 32.17 8.06
C HIS A 57 14.76 32.57 6.69
N GLY A 58 14.66 31.62 5.77
CA GLY A 58 14.03 31.92 4.49
C GLY A 58 14.52 31.05 3.35
N ARG A 59 14.30 31.54 2.14
CA ARG A 59 14.67 30.83 0.91
C ARG A 59 15.64 31.69 0.10
N PHE A 60 16.69 31.05 -0.42
CA PHE A 60 17.77 31.78 -1.04
C PHE A 60 18.25 31.06 -2.27
N PHE A 61 18.53 31.81 -3.33
CA PHE A 61 19.21 31.28 -4.51
C PHE A 61 20.59 31.91 -4.59
N LEU A 62 21.62 31.11 -4.88
CA LEU A 62 22.97 31.64 -5.03
C LEU A 62 23.59 31.22 -6.36
N ARG A 63 24.34 32.13 -6.96
CA ARG A 63 25.14 31.80 -8.13
C ARG A 63 26.36 31.01 -7.67
N PRO A 64 26.66 29.89 -8.35
CA PRO A 64 27.79 29.02 -7.99
C PRO A 64 29.14 29.75 -7.96
N GLU A 65 29.39 30.59 -8.95
CA GLU A 65 30.64 31.37 -9.04
C GLU A 65 30.88 32.16 -7.76
N THR A 66 29.80 32.69 -7.22
CA THR A 66 29.81 33.45 -5.97
C THR A 66 29.97 32.55 -4.75
N ALA A 67 28.97 31.68 -4.57
CA ALA A 67 28.88 30.84 -3.39
C ALA A 67 30.09 29.91 -3.23
N LEU A 68 30.54 29.31 -4.32
CA LEU A 68 31.57 28.29 -4.20
C LEU A 68 32.99 28.88 -4.03
N ALA A 69 33.11 30.19 -4.18
CA ALA A 69 34.38 30.87 -3.96
C ALA A 69 34.33 31.68 -2.67
N ASP A 70 33.25 31.51 -1.90
CA ASP A 70 33.06 32.22 -0.66
C ASP A 70 33.54 31.36 0.49
N PRO A 71 34.53 31.84 1.26
CA PRO A 71 35.15 30.93 2.23
C PRO A 71 34.17 30.45 3.31
N GLN A 72 33.23 31.29 3.70
CA GLN A 72 32.30 30.91 4.76
CA GLN A 72 32.29 30.91 4.75
C GLN A 72 31.30 29.87 4.24
N PHE A 73 30.91 29.99 2.97
CA PHE A 73 29.98 29.01 2.39
C PHE A 73 30.68 27.67 2.22
N VAL A 74 31.90 27.70 1.71
CA VAL A 74 32.66 26.45 1.56
C VAL A 74 32.88 25.80 2.94
N ALA A 75 33.18 26.61 3.95
CA ALA A 75 33.36 26.08 5.29
C ALA A 75 32.05 25.45 5.79
N TRP A 76 30.92 26.10 5.53
CA TRP A 76 29.63 25.58 5.95
C TRP A 76 29.33 24.24 5.25
N LEU A 77 29.62 24.16 3.96
CA LEU A 77 29.38 22.92 3.23
C LEU A 77 30.14 21.79 3.88
N GLY A 78 31.35 22.09 4.36
CA GLY A 78 32.27 21.09 4.86
C GLY A 78 32.13 20.81 6.35
N ASP A 79 31.21 21.50 7.01
CA ASP A 79 31.04 21.40 8.46
C ASP A 79 29.99 20.33 8.74
N GLU A 80 30.43 19.19 9.25
CA GLU A 80 29.51 18.07 9.50
C GLU A 80 28.41 18.41 10.52
N THR A 81 28.56 19.49 11.28
CA THR A 81 27.55 19.88 12.28
C THR A 81 26.44 20.74 11.69
N LYS A 82 26.66 21.23 10.47
CA LYS A 82 25.62 21.94 9.76
C LYS A 82 24.90 20.92 8.91
N LYS A 83 23.68 20.57 9.31
CA LYS A 83 22.96 19.46 8.67
C LYS A 83 22.21 19.88 7.43
N LYS A 84 22.35 19.09 6.37
CA LYS A 84 21.68 19.38 5.11
C LYS A 84 20.75 18.26 4.71
N SER A 85 19.53 18.64 4.33
CA SER A 85 18.63 17.72 3.63
C SER A 85 18.71 17.98 2.14
N MET A 86 18.80 16.90 1.36
CA MET A 86 18.95 17.00 -0.10
C MET A 86 18.18 15.92 -0.85
N PHE A 87 18.23 16.02 -2.17
CA PHE A 87 17.81 14.94 -3.05
C PHE A 87 19.01 14.52 -3.92
N ASP A 88 19.40 13.26 -3.83
CA ASP A 88 20.58 12.71 -4.54
C ASP A 88 21.84 13.45 -4.09
N SER A 89 22.16 13.30 -2.80
CA SER A 89 23.32 13.95 -2.21
C SER A 89 24.64 13.44 -2.77
N LYS A 90 24.64 12.22 -3.31
CA LYS A 90 25.85 11.70 -3.93
C LYS A 90 26.20 12.49 -5.18
N ARG A 91 25.21 12.83 -6.00
CA ARG A 91 25.43 13.66 -7.20
C ARG A 91 26.06 14.99 -6.80
N ALA A 92 25.50 15.60 -5.76
CA ALA A 92 26.05 16.89 -5.33
C ALA A 92 27.44 16.72 -4.73
N ALA A 93 27.61 15.69 -3.92
CA ALA A 93 28.89 15.50 -3.25
C ALA A 93 30.00 15.32 -4.28
N VAL A 94 29.74 14.50 -5.29
CA VAL A 94 30.76 14.23 -6.30
C VAL A 94 31.01 15.45 -7.18
N ALA A 95 29.95 16.13 -7.59
CA ALA A 95 30.11 17.34 -8.40
C ALA A 95 30.95 18.34 -7.61
N LEU A 96 30.74 18.42 -6.29
CA LEU A 96 31.50 19.36 -5.49
C LEU A 96 32.96 18.92 -5.37
N LYS A 97 33.21 17.62 -5.29
CA LYS A 97 34.59 17.13 -5.25
C LYS A 97 35.34 17.56 -6.52
N TRP A 98 34.66 17.49 -7.66
CA TRP A 98 35.27 17.93 -8.91
C TRP A 98 35.53 19.44 -8.91
N LYS A 99 34.82 20.16 -8.04
CA LYS A 99 35.06 21.59 -7.87
C LYS A 99 36.01 21.86 -6.69
N GLY A 100 36.57 20.80 -6.12
CA GLY A 100 37.54 20.92 -5.05
C GLY A 100 36.98 21.32 -3.70
N ILE A 101 35.73 20.91 -3.46
CA ILE A 101 34.97 21.27 -2.27
C ILE A 101 34.38 20.02 -1.63
N GLU A 102 34.57 19.90 -0.32
CA GLU A 102 34.06 18.80 0.49
C GLU A 102 32.69 19.15 1.04
N LEU A 103 31.73 18.27 0.79
CA LEU A 103 30.37 18.37 1.35
C LEU A 103 30.24 17.38 2.49
N CYS A 104 29.93 17.89 3.67
CA CYS A 104 29.70 17.04 4.84
C CYS A 104 28.33 17.35 5.43
N GLY A 105 27.86 16.53 6.36
CA GLY A 105 26.69 16.88 7.16
C GLY A 105 25.34 16.56 6.54
N VAL A 106 25.31 15.73 5.51
CA VAL A 106 24.05 15.40 4.89
C VAL A 106 23.28 14.46 5.81
N SER A 107 22.12 14.91 6.26
CA SER A 107 21.37 14.16 7.27
C SER A 107 20.12 13.50 6.68
N PHE A 108 19.72 13.91 5.49
CA PHE A 108 18.52 13.35 4.85
C PHE A 108 18.63 13.43 3.34
N ASP A 109 18.33 12.31 2.67
CA ASP A 109 18.35 12.23 1.22
C ASP A 109 16.98 11.74 0.72
N LEU A 110 16.19 12.64 0.16
CA LEU A 110 14.83 12.34 -0.29
C LEU A 110 14.79 11.30 -1.41
N LEU A 111 15.83 11.27 -2.25
CA LEU A 111 15.87 10.24 -3.30
C LEU A 111 15.91 8.83 -2.69
N LEU A 112 16.79 8.65 -1.71
CA LEU A 112 16.93 7.33 -1.08
C LEU A 112 15.72 6.99 -0.23
N ALA A 113 15.13 8.01 0.39
CA ALA A 113 13.90 7.82 1.15
C ALA A 113 12.79 7.31 0.25
N ALA A 114 12.67 7.92 -0.93
CA ALA A 114 11.60 7.54 -1.87
C ALA A 114 11.84 6.13 -2.37
N TYR A 115 13.09 5.84 -2.70
CA TYR A 115 13.48 4.51 -3.20
C TYR A 115 13.14 3.40 -2.21
N LEU A 116 13.45 3.62 -0.94
CA LEU A 116 13.10 2.63 0.09
C LEU A 116 11.59 2.45 0.24
N LEU A 117 10.85 3.55 0.17
CA LEU A 117 9.41 3.44 0.34
C LEU A 117 8.77 2.58 -0.77
N ASP A 118 9.27 2.69 -1.99
CA ASP A 118 8.75 1.89 -3.10
C ASP A 118 9.71 1.96 -4.29
N PRO A 119 10.53 0.93 -4.47
CA PRO A 119 11.53 1.06 -5.56
C PRO A 119 10.88 1.08 -6.95
N ALA A 120 9.65 0.61 -7.07
CA ALA A 120 8.98 0.52 -8.36
C ALA A 120 8.57 1.87 -8.95
N GLN A 121 8.46 2.90 -8.10
CA GLN A 121 8.02 4.19 -8.57
C GLN A 121 9.08 4.87 -9.46
N GLY A 122 10.32 4.37 -9.41
CA GLY A 122 11.38 4.86 -10.30
C GLY A 122 11.67 6.33 -10.13
N VAL A 123 11.47 6.84 -8.92
CA VAL A 123 11.71 8.25 -8.61
C VAL A 123 13.08 8.70 -9.01
N ASP A 124 13.13 9.73 -9.86
CA ASP A 124 14.38 10.26 -10.40
C ASP A 124 14.43 11.78 -10.37
N ASP A 125 13.39 12.44 -9.87
CA ASP A 125 13.53 13.84 -9.53
C ASP A 125 12.62 14.22 -8.36
N VAL A 126 12.80 15.43 -7.85
CA VAL A 126 12.09 15.87 -6.65
C VAL A 126 10.58 15.83 -6.87
N ALA A 127 10.17 16.27 -8.06
CA ALA A 127 8.77 16.29 -8.42
C ALA A 127 8.14 14.91 -8.24
N ALA A 128 8.82 13.87 -8.71
CA ALA A 128 8.29 12.50 -8.63
C ALA A 128 8.21 12.02 -7.18
N ALA A 129 9.20 12.36 -6.37
CA ALA A 129 9.11 12.06 -4.93
C ALA A 129 7.97 12.87 -4.29
N ALA A 130 7.83 14.13 -4.70
CA ALA A 130 6.82 15.00 -4.10
C ALA A 130 5.43 14.43 -4.32
N LYS A 131 5.24 13.80 -5.47
CA LYS A 131 3.93 13.29 -5.84
C LYS A 131 3.49 12.14 -4.94
N MET A 132 4.45 11.46 -4.33
CA MET A 132 4.14 10.39 -3.39
C MET A 132 3.33 10.91 -2.20
N LYS A 133 3.53 12.18 -1.86
CA LYS A 133 2.80 12.81 -0.75
C LYS A 133 1.89 13.95 -1.19
N GLN A 134 1.41 13.88 -2.43
CA GLN A 134 0.50 14.90 -2.96
C GLN A 134 1.04 16.32 -2.79
N TYR A 135 2.36 16.45 -2.90
CA TYR A 135 2.98 17.76 -2.98
C TYR A 135 3.16 18.11 -4.46
N GLU A 136 2.67 19.25 -4.92
CA GLU A 136 2.83 19.61 -6.33
C GLU A 136 3.33 21.04 -6.58
N ALA A 137 3.84 21.69 -5.54
CA ALA A 137 4.41 23.03 -5.70
C ALA A 137 5.85 23.03 -6.24
N VAL A 138 6.10 22.15 -7.22
CA VAL A 138 7.43 21.99 -7.82
C VAL A 138 7.25 21.30 -9.18
N ARG A 139 8.14 21.59 -10.12
CA ARG A 139 8.03 21.03 -11.46
C ARG A 139 9.03 19.92 -11.67
N PRO A 140 8.71 18.97 -12.56
CA PRO A 140 9.70 18.00 -13.05
C PRO A 140 10.90 18.70 -13.70
N ASP A 141 12.11 18.18 -13.45
CA ASP A 141 13.32 18.71 -14.07
C ASP A 141 13.21 18.76 -15.61
N GLU A 142 12.69 17.70 -16.21
CA GLU A 142 12.53 17.61 -17.66
C GLU A 142 11.71 18.78 -18.23
N ALA A 143 10.65 19.18 -17.52
CA ALA A 143 9.82 20.29 -17.94
C ALA A 143 10.59 21.61 -17.90
N VAL A 144 11.62 21.70 -17.06
CA VAL A 144 12.36 22.95 -16.91
C VAL A 144 13.52 23.01 -17.89
N TYR A 145 14.22 21.89 -18.09
CA TYR A 145 15.44 21.91 -18.87
C TYR A 145 15.22 21.44 -20.31
N GLY A 146 14.09 20.78 -20.57
CA GLY A 146 13.83 20.20 -21.87
C GLY A 146 14.66 18.93 -22.07
N LYS A 147 14.64 18.36 -23.26
CA LYS A 147 15.36 17.12 -23.49
C LYS A 147 16.18 17.05 -24.77
N GLY A 148 17.17 16.16 -24.74
CA GLY A 148 18.00 15.88 -25.90
C GLY A 148 18.72 17.12 -26.35
N ALA A 149 18.71 17.35 -27.66
CA ALA A 149 19.40 18.49 -28.23
C ALA A 149 18.81 19.82 -27.77
N LYS A 150 17.62 19.78 -27.18
CA LYS A 150 16.93 21.01 -26.71
C LYS A 150 17.19 21.30 -25.23
N ARG A 151 17.96 20.46 -24.57
CA ARG A 151 18.21 20.60 -23.15
C ARG A 151 19.10 21.80 -22.88
N ALA A 152 18.65 22.69 -22.00
CA ALA A 152 19.38 23.91 -21.69
C ALA A 152 18.98 24.47 -20.33
N VAL A 153 19.92 25.19 -19.70
CA VAL A 153 19.62 25.88 -18.47
C VAL A 153 18.79 27.11 -18.83
N PRO A 154 17.64 27.30 -18.16
CA PRO A 154 16.75 28.42 -18.50
C PRO A 154 17.26 29.75 -17.97
N ASP A 155 16.52 30.82 -18.25
CA ASP A 155 16.87 32.16 -17.78
C ASP A 155 16.91 32.18 -16.24
N GLU A 156 17.87 32.92 -15.68
CA GLU A 156 18.15 32.86 -14.24
C GLU A 156 16.91 32.90 -13.33
N PRO A 157 15.96 33.80 -13.60
CA PRO A 157 14.78 33.81 -12.71
C PRO A 157 13.99 32.50 -12.77
N VAL A 158 13.99 31.84 -13.92
CA VAL A 158 13.28 30.57 -14.09
C VAL A 158 14.03 29.42 -13.44
N LEU A 159 15.34 29.42 -13.62
CA LEU A 159 16.21 28.47 -12.94
C LEU A 159 16.13 28.66 -11.42
N ALA A 160 16.22 29.91 -10.99
CA ALA A 160 16.27 30.21 -9.56
C ALA A 160 14.99 29.71 -8.88
N GLU A 161 13.85 30.00 -9.48
CA GLU A 161 12.57 29.56 -8.91
C GLU A 161 12.48 28.04 -8.81
N HIS A 162 12.93 27.33 -9.84
CA HIS A 162 12.89 25.88 -9.83
C HIS A 162 13.74 25.30 -8.68
N LEU A 163 14.95 25.82 -8.51
CA LEU A 163 15.85 25.28 -7.50
C LEU A 163 15.31 25.54 -6.09
N VAL A 164 14.73 26.73 -5.91
CA VAL A 164 14.12 27.08 -4.63
C VAL A 164 12.95 26.16 -4.36
N ARG A 165 12.07 25.99 -5.35
CA ARG A 165 10.92 25.10 -5.21
C ARG A 165 11.35 23.68 -4.85
N LYS A 166 12.47 23.23 -5.40
CA LYS A 166 12.98 21.91 -5.07
C LYS A 166 13.46 21.86 -3.63
N ALA A 167 14.15 22.90 -3.20
CA ALA A 167 14.64 22.97 -1.83
C ALA A 167 13.47 23.04 -0.86
N ALA A 168 12.46 23.85 -1.20
CA ALA A 168 11.32 24.03 -0.32
C ALA A 168 10.56 22.72 -0.17
N ALA A 169 10.52 21.94 -1.25
CA ALA A 169 9.83 20.64 -1.23
C ALA A 169 10.58 19.65 -0.35
N ILE A 170 11.90 19.59 -0.47
CA ILE A 170 12.70 18.76 0.40
C ILE A 170 12.50 19.16 1.86
N TRP A 171 12.37 20.45 2.08
CA TRP A 171 12.21 20.99 3.42
C TRP A 171 10.93 20.47 4.03
N GLU A 172 9.85 20.53 3.26
CA GLU A 172 8.52 20.18 3.80
C GLU A 172 8.30 18.68 3.80
N LEU A 173 8.99 17.96 2.92
CA LEU A 173 8.72 16.54 2.70
C LEU A 173 9.51 15.63 3.61
N GLU A 174 10.57 16.15 4.22
CA GLU A 174 11.42 15.33 5.07
C GLU A 174 10.62 14.64 6.17
N ARG A 175 9.80 15.40 6.86
CA ARG A 175 9.04 14.85 7.97
C ARG A 175 8.06 13.75 7.53
N PRO A 176 7.20 14.05 6.55
CA PRO A 176 6.29 13.01 6.03
C PRO A 176 6.99 11.74 5.55
N PHE A 177 8.17 11.88 4.96
CA PHE A 177 8.88 10.71 4.47
C PHE A 177 9.46 9.93 5.63
N LEU A 178 10.08 10.63 6.57
CA LEU A 178 10.64 9.97 7.75
C LEU A 178 9.54 9.25 8.52
N ASP A 179 8.38 9.88 8.67
CA ASP A 179 7.29 9.26 9.41
C ASP A 179 6.84 7.97 8.70
N GLU A 180 6.74 7.98 7.37
CA GLU A 180 6.33 6.76 6.67
C GLU A 180 7.40 5.67 6.76
N LEU A 181 8.66 6.04 6.64
CA LEU A 181 9.73 5.07 6.78
C LEU A 181 9.73 4.43 8.15
N ARG A 182 9.49 5.22 9.19
CA ARG A 182 9.44 4.66 10.53
C ARG A 182 8.27 3.68 10.63
N ARG A 183 7.14 4.02 10.03
CA ARG A 183 5.95 3.16 10.11
C ARG A 183 6.25 1.82 9.46
N ASN A 184 7.11 1.84 8.43
CA ASN A 184 7.55 0.63 7.73
C ASN A 184 8.76 -0.07 8.36
N GLU A 185 9.32 0.52 9.41
CA GLU A 185 10.55 -0.01 10.02
C GLU A 185 11.72 0.12 9.05
N GLN A 186 11.79 1.25 8.36
CA GLN A 186 12.83 1.48 7.36
C GLN A 186 13.63 2.73 7.66
N ASP A 187 13.38 3.35 8.81
CA ASP A 187 14.06 4.61 9.10
C ASP A 187 15.55 4.37 9.31
N ARG A 188 15.90 3.30 10.03
CA ARG A 188 17.29 2.97 10.29
C ARG A 188 17.98 2.50 9.00
N LEU A 189 17.24 1.75 8.19
CA LEU A 189 17.72 1.37 6.85
C LEU A 189 18.23 2.62 6.12
N LEU A 190 17.45 3.70 6.19
CA LEU A 190 17.85 4.94 5.50
C LEU A 190 19.03 5.61 6.20
N VAL A 191 18.91 5.83 7.51
CA VAL A 191 19.85 6.69 8.23
C VAL A 191 21.17 5.99 8.57
N GLU A 192 21.10 4.69 8.81
CA GLU A 192 22.28 3.93 9.21
C GLU A 192 22.91 3.09 8.11
N LEU A 193 22.19 2.89 7.01
CA LEU A 193 22.73 2.09 5.91
C LEU A 193 22.86 2.89 4.60
N GLU A 194 21.75 3.27 4.01
CA GLU A 194 21.84 3.82 2.65
C GLU A 194 22.57 5.15 2.65
N GLN A 195 22.30 6.00 3.65
CA GLN A 195 22.85 7.35 3.62
C GLN A 195 24.36 7.32 3.85
N PRO A 196 24.84 6.56 4.85
CA PRO A 196 26.29 6.42 4.99
C PRO A 196 26.93 5.76 3.76
N LEU A 197 26.26 4.76 3.18
CA LEU A 197 26.79 4.15 1.94
C LEU A 197 26.94 5.17 0.80
N SER A 198 26.00 6.09 0.68
CA SER A 198 26.06 7.09 -0.36
C SER A 198 27.38 7.88 -0.34
N SER A 199 27.83 8.28 0.85
CA SER A 199 29.10 9.01 0.97
C SER A 199 30.28 8.13 0.57
N ILE A 200 30.18 6.83 0.85
CA ILE A 200 31.25 5.89 0.53
C ILE A 200 31.32 5.68 -0.98
N LEU A 201 30.15 5.54 -1.61
CA LEU A 201 30.11 5.40 -3.07
C LEU A 201 30.61 6.68 -3.75
N ALA A 202 30.33 7.83 -3.14
CA ALA A 202 30.82 9.09 -3.69
C ALA A 202 32.35 9.10 -3.75
N GLU A 203 32.98 8.66 -2.67
CA GLU A 203 34.44 8.55 -2.62
C GLU A 203 34.97 7.63 -3.70
N MET A 204 34.32 6.48 -3.87
CA MET A 204 34.77 5.48 -4.83
C MET A 204 34.68 6.02 -6.26
N GLU A 205 33.55 6.65 -6.56
CA GLU A 205 33.34 7.19 -7.89
C GLU A 205 34.35 8.28 -8.20
N PHE A 206 34.61 9.17 -7.25
CA PHE A 206 35.56 10.24 -7.49
C PHE A 206 37.01 9.74 -7.62
N ALA A 207 37.33 8.70 -6.86
CA ALA A 207 38.65 8.10 -6.92
C ALA A 207 38.92 7.52 -8.32
N GLY A 208 37.93 6.84 -8.87
CA GLY A 208 38.09 6.22 -10.18
C GLY A 208 39.06 5.07 -10.15
N VAL A 209 39.15 4.39 -11.30
CA VAL A 209 40.09 3.26 -11.48
C VAL A 209 41.00 3.59 -12.65
N LYS A 210 42.30 3.49 -12.42
CA LYS A 210 43.29 3.79 -13.47
C LYS A 210 43.34 2.67 -14.52
N VAL A 211 43.49 3.08 -15.78
CA VAL A 211 43.59 2.16 -16.90
C VAL A 211 44.96 2.22 -17.56
N ASP A 212 45.47 1.07 -17.96
CA ASP A 212 46.67 0.96 -18.74
C ASP A 212 46.27 1.09 -20.22
N THR A 213 46.23 2.31 -20.74
CA THR A 213 45.75 2.51 -22.12
C THR A 213 46.71 1.93 -23.16
N LYS A 214 48.00 1.90 -22.85
CA LYS A 214 48.98 1.34 -23.78
C LYS A 214 48.62 -0.13 -23.97
N ARG A 215 48.27 -0.80 -22.88
CA ARG A 215 48.02 -2.25 -22.96
C ARG A 215 46.69 -2.47 -23.63
N LEU A 216 45.69 -1.70 -23.22
CA LEU A 216 44.35 -1.82 -23.78
C LEU A 216 44.36 -1.56 -25.29
N GLU A 217 45.11 -0.56 -25.73
CA GLU A 217 45.16 -0.26 -27.16
C GLU A 217 45.83 -1.37 -27.93
N GLN A 218 46.86 -1.95 -27.34
CA GLN A 218 47.54 -3.02 -28.03
C GLN A 218 46.63 -4.24 -28.10
N MET A 219 45.86 -4.49 -27.04
CA MET A 219 44.88 -5.58 -27.09
C MET A 219 43.87 -5.36 -28.21
N GLY A 220 43.47 -4.11 -28.39
CA GLY A 220 42.49 -3.77 -29.41
C GLY A 220 43.04 -4.00 -30.81
N LYS A 221 44.31 -3.67 -31.02
CA LYS A 221 44.92 -3.84 -32.33
C LYS A 221 44.96 -5.33 -32.68
N GLU A 222 45.33 -6.14 -31.70
CA GLU A 222 45.42 -7.59 -31.92
C GLU A 222 44.04 -8.20 -32.09
N LEU A 223 43.07 -7.71 -31.34
CA LEU A 223 41.68 -8.17 -31.44
C LEU A 223 41.07 -7.88 -32.82
N ALA A 224 41.34 -6.70 -33.38
CA ALA A 224 40.87 -6.37 -34.72
C ALA A 224 41.39 -7.36 -35.77
N GLU A 225 42.67 -7.72 -35.67
CA GLU A 225 43.26 -8.65 -36.64
C GLU A 225 42.56 -10.00 -36.52
N GLN A 226 42.37 -10.45 -35.29
CA GLN A 226 41.68 -11.72 -35.05
C GLN A 226 40.21 -11.73 -35.53
N LEU A 227 39.48 -10.65 -35.26
CA LEU A 227 38.11 -10.54 -35.78
C LEU A 227 38.08 -10.68 -37.28
N GLY A 228 39.00 -10.00 -37.97
CA GLY A 228 39.07 -10.09 -39.41
C GLY A 228 39.22 -11.52 -39.89
N THR A 229 40.09 -12.27 -39.23
CA THR A 229 40.36 -13.66 -39.62
C THR A 229 39.15 -14.54 -39.40
N VAL A 230 38.54 -14.41 -38.23
CA VAL A 230 37.35 -15.17 -37.90
C VAL A 230 36.22 -14.81 -38.86
N GLU A 231 36.12 -13.53 -39.15
CA GLU A 231 35.09 -13.03 -40.06
C GLU A 231 35.20 -13.70 -41.44
N GLN A 232 36.42 -13.71 -41.99
CA GLN A 232 36.58 -14.29 -43.31
C GLN A 232 36.32 -15.79 -43.30
N ARG A 233 36.67 -16.45 -42.20
CA ARG A 233 36.37 -17.88 -42.04
C ARG A 233 34.87 -18.14 -42.09
N ILE A 234 34.11 -17.27 -41.43
CA ILE A 234 32.65 -17.42 -41.42
C ILE A 234 32.11 -17.20 -42.84
N TYR A 235 32.62 -16.21 -43.58
CA TYR A 235 32.13 -15.99 -44.93
C TYR A 235 32.44 -17.19 -45.79
N GLU A 236 33.60 -17.81 -45.55
CA GLU A 236 33.99 -18.96 -46.33
C GLU A 236 33.02 -20.12 -46.08
N LEU A 237 32.77 -20.39 -44.80
CA LEU A 237 31.83 -21.43 -44.42
C LEU A 237 30.41 -21.18 -44.91
N ALA A 238 30.01 -19.92 -44.96
CA ALA A 238 28.64 -19.59 -45.35
C ALA A 238 28.50 -19.51 -46.87
N GLY A 239 29.60 -19.26 -47.56
CA GLY A 239 29.63 -19.14 -49.01
C GLY A 239 29.18 -17.77 -49.48
N GLN A 240 29.25 -16.79 -48.60
CA GLN A 240 28.66 -15.47 -48.83
C GLN A 240 29.13 -14.51 -47.77
N GLU A 241 29.31 -13.24 -48.13
CA GLU A 241 29.46 -12.21 -47.12
C GLU A 241 28.11 -11.74 -46.64
N PHE A 242 28.05 -11.41 -45.36
CA PHE A 242 26.85 -10.85 -44.74
C PHE A 242 27.30 -10.19 -43.47
N ASN A 243 26.40 -9.41 -42.86
CA ASN A 243 26.70 -8.81 -41.57
C ASN A 243 26.36 -9.77 -40.44
N ILE A 244 27.40 -10.31 -39.81
CA ILE A 244 27.24 -11.32 -38.78
C ILE A 244 26.58 -10.69 -37.55
N ASN A 245 26.75 -9.37 -37.39
CA ASN A 245 26.21 -8.66 -36.23
C ASN A 245 24.76 -8.26 -36.39
N SER A 246 24.15 -8.71 -37.48
CA SER A 246 22.72 -8.54 -37.68
C SER A 246 22.00 -9.87 -37.52
N PRO A 247 21.31 -10.08 -36.40
CA PRO A 247 20.56 -11.33 -36.23
C PRO A 247 19.60 -11.60 -37.40
N LYS A 248 19.05 -10.55 -37.98
CA LYS A 248 18.18 -10.71 -39.14
C LYS A 248 18.91 -11.31 -40.35
N GLN A 249 20.05 -10.75 -40.72
CA GLN A 249 20.82 -11.28 -41.84
C GLN A 249 21.38 -12.66 -41.52
N LEU A 250 21.82 -12.84 -40.28
CA LEU A 250 22.34 -14.12 -39.82
C LEU A 250 21.25 -15.19 -39.91
N GLY A 251 20.05 -14.84 -39.50
CA GLY A 251 18.95 -15.78 -39.57
C GLY A 251 18.67 -16.26 -40.99
N VAL A 252 18.80 -15.37 -41.96
CA VAL A 252 18.63 -15.75 -43.35
C VAL A 252 19.69 -16.79 -43.76
N ILE A 253 20.94 -16.54 -43.39
CA ILE A 253 22.01 -17.47 -43.70
C ILE A 253 21.78 -18.81 -43.04
N LEU A 254 21.45 -18.82 -41.75
CA LEU A 254 21.37 -20.10 -41.04
C LEU A 254 20.13 -20.88 -41.44
N PHE A 255 19.01 -20.18 -41.51
CA PHE A 255 17.75 -20.90 -41.58
C PHE A 255 17.14 -20.96 -42.95
N GLU A 256 17.64 -20.12 -43.86
CA GLU A 256 17.14 -20.12 -45.23
C GLU A 256 18.21 -20.66 -46.20
N LYS A 257 19.41 -20.08 -46.17
CA LYS A 257 20.48 -20.57 -47.06
C LYS A 257 20.97 -21.97 -46.64
N LEU A 258 21.38 -22.12 -45.38
CA LEU A 258 21.98 -23.38 -44.92
C LEU A 258 20.91 -24.36 -44.47
N GLN A 259 19.67 -23.88 -44.34
CA GLN A 259 18.53 -24.76 -44.05
C GLN A 259 18.63 -25.49 -42.71
N LEU A 260 19.18 -24.84 -41.69
CA LEU A 260 19.32 -25.46 -40.37
C LEU A 260 17.97 -25.42 -39.67
N PRO A 261 17.74 -26.32 -38.71
CA PRO A 261 16.43 -26.35 -38.03
C PRO A 261 16.15 -25.05 -37.29
N VAL A 262 14.89 -24.62 -37.28
CA VAL A 262 14.48 -23.44 -36.50
C VAL A 262 13.99 -23.91 -35.14
N LEU A 263 14.78 -23.62 -34.11
CA LEU A 263 14.51 -24.16 -32.79
C LEU A 263 13.69 -23.19 -31.97
N LYS A 264 13.72 -21.92 -32.36
CA LYS A 264 13.07 -20.84 -31.61
C LYS A 264 12.84 -19.62 -32.49
N LYS A 265 11.69 -18.97 -32.30
CA LYS A 265 11.40 -17.66 -32.91
C LYS A 265 11.05 -16.64 -31.83
N THR A 266 11.34 -15.37 -32.12
CA THR A 266 10.78 -14.29 -31.31
C THR A 266 9.89 -13.45 -32.17
N LYS A 267 9.39 -12.34 -31.64
CA LYS A 267 8.40 -11.57 -32.38
C LYS A 267 8.96 -10.99 -33.67
N THR A 268 10.26 -10.73 -33.73
CA THR A 268 10.82 -10.21 -34.98
C THR A 268 11.28 -11.27 -35.98
N GLY A 269 11.41 -12.53 -35.55
CA GLY A 269 11.85 -13.57 -36.47
C GLY A 269 12.60 -14.74 -35.84
N TYR A 270 13.49 -15.35 -36.62
CA TYR A 270 14.28 -16.48 -36.12
C TYR A 270 15.23 -16.05 -35.02
N SER A 271 15.21 -16.77 -33.91
CA SER A 271 16.21 -16.60 -32.88
C SER A 271 17.62 -17.03 -33.33
N THR A 272 18.62 -16.20 -33.04
CA THR A 272 20.01 -16.62 -33.19
C THR A 272 20.73 -16.49 -31.84
N SER A 273 20.02 -16.80 -30.77
CA SER A 273 20.59 -16.65 -29.44
C SER A 273 21.73 -17.64 -29.27
N ALA A 274 22.61 -17.37 -28.31
CA ALA A 274 23.73 -18.28 -28.04
C ALA A 274 23.27 -19.70 -27.71
N ASP A 275 22.23 -19.84 -26.90
CA ASP A 275 21.70 -21.16 -26.55
C ASP A 275 21.26 -21.94 -27.80
N VAL A 276 20.58 -21.26 -28.72
CA VAL A 276 20.16 -21.87 -29.96
C VAL A 276 21.35 -22.27 -30.84
N LEU A 277 22.30 -21.36 -31.07
CA LEU A 277 23.45 -21.69 -31.91
C LEU A 277 24.22 -22.86 -31.33
N GLU A 278 24.32 -22.93 -30.01
CA GLU A 278 25.10 -24.02 -29.42
C GLU A 278 24.42 -25.34 -29.76
N LYS A 279 23.09 -25.33 -29.78
CA LYS A 279 22.32 -26.54 -30.07
C LYS A 279 22.38 -26.93 -31.54
N LEU A 280 22.81 -26.01 -32.39
CA LEU A 280 22.89 -26.28 -33.83
C LEU A 280 24.28 -26.80 -34.21
N ALA A 281 25.21 -26.91 -33.26
CA ALA A 281 26.55 -27.34 -33.62
C ALA A 281 26.63 -28.74 -34.30
N PRO A 282 25.70 -29.66 -33.96
CA PRO A 282 25.77 -30.94 -34.70
C PRO A 282 25.39 -30.82 -36.18
N TYR A 283 24.90 -29.65 -36.61
CA TYR A 283 24.40 -29.49 -37.98
C TYR A 283 25.36 -28.77 -38.88
N HIS A 284 26.08 -27.78 -38.35
CA HIS A 284 27.00 -27.03 -39.16
C HIS A 284 28.05 -26.40 -38.25
N GLU A 285 29.29 -26.44 -38.67
CA GLU A 285 30.36 -25.95 -37.83
C GLU A 285 30.35 -24.43 -37.73
N ILE A 286 29.60 -23.78 -38.60
CA ILE A 286 29.68 -22.32 -38.75
C ILE A 286 29.13 -21.65 -37.50
N VAL A 287 28.24 -22.33 -36.78
CA VAL A 287 27.66 -21.69 -35.62
C VAL A 287 28.67 -21.47 -34.48
N GLU A 288 29.66 -22.35 -34.35
CA GLU A 288 30.68 -22.15 -33.32
C GLU A 288 31.52 -20.92 -33.66
N ASN A 289 31.88 -20.81 -34.93
CA ASN A 289 32.63 -19.64 -35.39
C ASN A 289 31.87 -18.33 -35.15
N ILE A 290 30.55 -18.35 -35.36
CA ILE A 290 29.75 -17.14 -35.19
C ILE A 290 29.69 -16.74 -33.72
N LEU A 291 29.49 -17.73 -32.84
CA LEU A 291 29.51 -17.44 -31.41
C LEU A 291 30.83 -16.78 -31.00
N HIS A 292 31.94 -17.30 -31.52
CA HIS A 292 33.25 -16.74 -31.22
C HIS A 292 33.34 -15.32 -31.73
N TYR A 293 32.86 -15.09 -32.95
CA TYR A 293 32.92 -13.76 -33.55
C TYR A 293 32.14 -12.77 -32.71
N ARG A 294 30.97 -13.17 -32.25
CA ARG A 294 30.13 -12.24 -31.51
C ARG A 294 30.72 -11.95 -30.13
N GLN A 295 31.41 -12.93 -29.53
CA GLN A 295 32.16 -12.71 -28.30
CA GLN A 295 32.17 -12.70 -28.31
C GLN A 295 33.28 -11.69 -28.53
N LEU A 296 34.10 -11.94 -29.55
CA LEU A 296 35.22 -11.04 -29.85
C LEU A 296 34.73 -9.62 -30.17
N GLY A 297 33.63 -9.52 -30.89
CA GLY A 297 33.11 -8.24 -31.33
C GLY A 297 32.59 -7.43 -30.16
N LYS A 298 32.01 -8.09 -29.16
CA LYS A 298 31.62 -7.39 -27.95
C LYS A 298 32.82 -6.94 -27.11
N LEU A 299 33.87 -7.74 -27.06
CA LEU A 299 35.09 -7.31 -26.38
C LEU A 299 35.58 -6.00 -26.99
N GLN A 300 35.67 -6.00 -28.31
CA GLN A 300 36.19 -4.83 -29.06
CA GLN A 300 36.20 -4.84 -29.03
C GLN A 300 35.30 -3.62 -28.88
N SER A 301 34.00 -3.80 -29.07
CA SER A 301 33.12 -2.65 -29.10
C SER A 301 32.95 -2.00 -27.73
N THR A 302 32.92 -2.85 -26.71
CA THR A 302 32.49 -2.40 -25.39
C THR A 302 33.64 -2.27 -24.43
N TYR A 303 34.52 -3.28 -24.39
CA TYR A 303 35.58 -3.27 -23.39
C TYR A 303 36.93 -2.76 -23.88
N ILE A 304 37.06 -2.53 -25.19
CA ILE A 304 38.22 -1.81 -25.70
C ILE A 304 37.78 -0.42 -26.13
N GLU A 305 36.98 -0.34 -27.18
CA GLU A 305 36.60 0.96 -27.72
C GLU A 305 35.74 1.73 -26.74
N GLY A 306 34.70 1.10 -26.22
CA GLY A 306 33.83 1.81 -25.31
C GLY A 306 34.50 2.28 -24.05
N LEU A 307 35.43 1.48 -23.54
CA LEU A 307 36.14 1.83 -22.31
C LEU A 307 37.12 2.99 -22.60
N LEU A 308 37.85 2.92 -23.72
CA LEU A 308 38.78 4.01 -24.04
C LEU A 308 38.04 5.34 -24.18
N LYS A 309 36.82 5.28 -24.69
CA LYS A 309 36.05 6.52 -24.92
C LYS A 309 35.80 7.29 -23.63
N VAL A 310 35.72 6.58 -22.51
CA VAL A 310 35.37 7.20 -21.23
C VAL A 310 36.55 7.39 -20.28
N VAL A 311 37.74 6.97 -20.70
CA VAL A 311 38.95 7.22 -19.92
C VAL A 311 39.22 8.72 -19.93
N ARG A 312 39.43 9.30 -18.76
CA ARG A 312 39.89 10.70 -18.69
C ARG A 312 41.37 10.75 -19.04
N PRO A 313 41.76 11.40 -20.17
CA PRO A 313 43.10 11.21 -20.71
C PRO A 313 44.24 11.66 -19.81
N ALA A 314 44.06 12.72 -19.04
CA ALA A 314 45.19 13.23 -18.27
C ALA A 314 45.56 12.37 -17.06
N THR A 315 44.59 11.64 -16.53
CA THR A 315 44.82 10.80 -15.35
C THR A 315 44.71 9.31 -15.67
N LYS A 316 44.19 9.04 -16.86
CA LYS A 316 43.91 7.67 -17.31
C LYS A 316 42.95 6.93 -16.43
N LYS A 317 42.07 7.66 -15.74
CA LYS A 317 41.09 7.01 -14.87
C LYS A 317 39.72 6.94 -15.51
N VAL A 318 38.98 5.90 -15.16
CA VAL A 318 37.57 5.83 -15.50
CA VAL A 318 37.57 5.85 -15.49
C VAL A 318 36.76 6.02 -14.21
N HIS A 319 35.67 6.76 -14.31
CA HIS A 319 34.84 7.11 -13.15
C HIS A 319 33.40 6.65 -13.38
N THR A 320 33.06 5.50 -12.80
CA THR A 320 31.70 4.97 -12.94
C THR A 320 30.75 5.77 -12.05
N ILE A 321 29.47 5.58 -12.31
CA ILE A 321 28.45 6.02 -11.36
C ILE A 321 27.71 4.79 -10.85
N PHE A 322 27.65 4.65 -9.53
CA PHE A 322 26.93 3.56 -8.91
C PHE A 322 25.54 4.04 -8.58
N ASN A 323 24.55 3.61 -9.35
CA ASN A 323 23.17 4.00 -9.13
CA ASN A 323 23.18 3.99 -9.12
C ASN A 323 22.65 3.25 -7.94
N GLN A 324 22.35 4.01 -6.89
CA GLN A 324 21.95 3.45 -5.61
C GLN A 324 20.44 3.37 -5.46
N ALA A 325 19.69 3.98 -6.37
CA ALA A 325 18.24 4.03 -6.24
C ALA A 325 17.51 3.57 -7.50
N LEU A 326 17.98 2.44 -8.05
CA LEU A 326 17.49 1.95 -9.33
C LEU A 326 16.92 0.54 -9.25
N THR A 327 17.68 -0.42 -8.72
CA THR A 327 17.27 -1.81 -8.87
C THR A 327 16.09 -2.10 -7.97
N GLN A 328 15.30 -3.09 -8.35
CA GLN A 328 14.12 -3.44 -7.56
C GLN A 328 14.44 -4.31 -6.33
N THR A 329 15.67 -4.78 -6.19
CA THR A 329 16.02 -5.68 -5.08
C THR A 329 16.88 -5.03 -3.99
N GLY A 330 17.46 -3.86 -4.28
CA GLY A 330 18.37 -3.20 -3.34
C GLY A 330 19.82 -3.32 -3.75
N ARG A 331 20.07 -3.97 -4.88
CA ARG A 331 21.40 -4.01 -5.47
C ARG A 331 21.78 -2.64 -5.98
N LEU A 332 23.08 -2.43 -6.19
CA LEU A 332 23.52 -1.27 -6.94
C LEU A 332 23.51 -1.61 -8.43
N SER A 333 23.57 -0.57 -9.28
CA SER A 333 24.01 -0.78 -10.65
C SER A 333 25.15 0.18 -10.94
N SER A 334 25.81 -0.03 -12.08
CA SER A 334 26.99 0.72 -12.45
C SER A 334 26.86 1.16 -13.91
N THR A 335 27.04 2.44 -14.17
CA THR A 335 26.93 2.98 -15.51
C THR A 335 28.03 3.92 -15.91
N GLU A 336 28.25 3.94 -17.21
CA GLU A 336 29.09 4.90 -17.92
C GLU A 336 30.50 5.13 -17.34
N PRO A 337 31.30 4.06 -17.30
CA PRO A 337 31.04 2.73 -17.84
C PRO A 337 30.50 1.78 -16.76
N ASN A 338 29.92 0.66 -17.17
CA ASN A 338 29.54 -0.37 -16.22
C ASN A 338 30.79 -1.09 -15.83
N LEU A 339 31.21 -0.99 -14.57
CA LEU A 339 32.41 -1.71 -14.13
C LEU A 339 32.04 -2.96 -13.35
N GLN A 340 30.76 -3.32 -13.41
CA GLN A 340 30.26 -4.54 -12.75
C GLN A 340 30.02 -5.69 -13.74
N ASN A 341 30.33 -5.49 -15.00
CA ASN A 341 30.24 -6.57 -15.98
C ASN A 341 31.49 -6.71 -16.85
N ILE A 342 32.64 -6.51 -16.24
CA ILE A 342 33.92 -6.68 -16.94
C ILE A 342 34.19 -8.18 -17.08
N PRO A 343 34.61 -8.61 -18.29
CA PRO A 343 34.72 -10.07 -18.48
C PRO A 343 35.66 -10.80 -17.52
N ILE A 344 35.25 -12.02 -17.20
CA ILE A 344 36.07 -12.88 -16.36
C ILE A 344 35.92 -14.37 -16.68
N ARG A 345 34.81 -14.75 -17.29
CA ARG A 345 34.46 -16.19 -17.40
C ARG A 345 35.23 -16.97 -18.48
N LEU A 346 35.61 -16.31 -19.57
CA LEU A 346 36.44 -16.96 -20.60
C LEU A 346 37.78 -16.24 -20.61
N GLU A 347 38.89 -16.99 -20.76
CA GLU A 347 40.20 -16.36 -20.67
C GLU A 347 40.39 -15.23 -21.68
N GLU A 348 39.86 -15.36 -22.89
CA GLU A 348 40.01 -14.32 -23.91
C GLU A 348 39.51 -12.97 -23.43
N GLY A 349 38.34 -12.94 -22.81
CA GLY A 349 37.76 -11.71 -22.30
C GLY A 349 38.41 -11.31 -21.00
N ARG A 350 38.77 -12.31 -20.21
CA ARG A 350 39.32 -12.06 -18.90
C ARG A 350 40.58 -11.18 -18.98
N LYS A 351 41.30 -11.27 -20.09
CA LYS A 351 42.53 -10.52 -20.22
C LYS A 351 42.31 -9.01 -20.23
N ILE A 352 41.08 -8.58 -20.49
CA ILE A 352 40.71 -7.18 -20.38
C ILE A 352 41.10 -6.62 -19.02
N ARG A 353 40.98 -7.45 -17.98
CA ARG A 353 41.21 -6.97 -16.63
C ARG A 353 42.69 -6.63 -16.35
N GLN A 354 43.58 -7.02 -17.24
CA GLN A 354 44.99 -6.65 -17.11
C GLN A 354 45.16 -5.15 -17.33
N ALA A 355 44.14 -4.51 -17.90
CA ALA A 355 44.19 -3.08 -18.20
C ALA A 355 43.78 -2.23 -17.01
N PHE A 356 43.26 -2.86 -15.95
CA PHE A 356 42.84 -2.13 -14.77
C PHE A 356 43.93 -2.25 -13.72
N VAL A 357 44.58 -1.11 -13.42
CA VAL A 357 45.81 -1.09 -12.63
C VAL A 357 45.66 -0.16 -11.44
N PRO A 358 46.58 -0.25 -10.46
CA PRO A 358 46.55 0.67 -9.32
C PRO A 358 46.88 2.11 -9.74
N SER A 359 46.42 3.08 -8.96
CA SER A 359 46.52 4.50 -9.31
C SER A 359 47.84 5.12 -8.91
N GLU A 360 48.66 4.35 -8.19
CA GLU A 360 49.96 4.82 -7.73
C GLU A 360 50.94 3.70 -7.97
N SER A 361 52.21 4.06 -8.22
CA SER A 361 53.27 3.08 -8.28
C SER A 361 53.44 2.41 -6.92
N ASP A 362 53.72 1.12 -6.94
CA ASP A 362 53.97 0.35 -5.72
C ASP A 362 52.69 0.11 -4.93
N TRP A 363 51.56 0.23 -5.61
CA TRP A 363 50.27 -0.19 -5.03
C TRP A 363 49.82 -1.46 -5.71
N LEU A 364 48.83 -2.13 -5.12
CA LEU A 364 48.32 -3.40 -5.65
C LEU A 364 46.81 -3.40 -5.59
N ILE A 365 46.19 -4.22 -6.43
CA ILE A 365 44.74 -4.40 -6.42
C ILE A 365 44.44 -5.55 -5.47
N PHE A 366 43.41 -5.37 -4.64
CA PHE A 366 42.98 -6.42 -3.71
C PHE A 366 41.48 -6.71 -3.88
N ALA A 367 41.13 -7.98 -4.09
CA ALA A 367 39.75 -8.33 -4.38
C ALA A 367 39.27 -9.37 -3.39
N ALA A 368 38.10 -9.12 -2.81
CA ALA A 368 37.51 -10.08 -1.87
C ALA A 368 36.07 -10.32 -2.28
N ASP A 369 35.70 -11.59 -2.36
CA ASP A 369 34.32 -11.97 -2.73
C ASP A 369 33.71 -12.92 -1.72
N TYR A 370 32.46 -12.68 -1.38
CA TYR A 370 31.69 -13.64 -0.58
C TYR A 370 31.53 -14.91 -1.40
N SER A 371 31.62 -16.05 -0.76
CA SER A 371 31.37 -17.31 -1.43
C SER A 371 29.93 -17.78 -1.22
N GLN A 372 29.20 -17.92 -2.31
CA GLN A 372 27.81 -18.39 -2.29
C GLN A 372 26.94 -17.65 -1.26
N ILE A 373 27.07 -16.33 -1.17
CA ILE A 373 26.35 -15.61 -0.13
C ILE A 373 24.83 -15.78 -0.22
N GLU A 374 24.29 -15.83 -1.43
CA GLU A 374 22.83 -15.94 -1.54
C GLU A 374 22.35 -17.29 -1.06
N LEU A 375 23.15 -18.32 -1.28
CA LEU A 375 22.78 -19.66 -0.82
C LEU A 375 22.90 -19.76 0.70
N ARG A 376 23.81 -19.00 1.30
CA ARG A 376 23.92 -19.02 2.75
C ARG A 376 22.77 -18.25 3.41
N VAL A 377 22.46 -17.09 2.86
CA VAL A 377 21.30 -16.30 3.28
C VAL A 377 20.03 -17.17 3.24
N LEU A 378 19.81 -17.88 2.14
CA LEU A 378 18.63 -18.73 1.99
C LEU A 378 18.58 -19.84 3.05
N ALA A 379 19.74 -20.43 3.34
CA ALA A 379 19.82 -21.48 4.35
C ALA A 379 19.43 -20.92 5.73
N HIS A 380 19.84 -19.68 5.99
CA HIS A 380 19.55 -19.02 7.26
C HIS A 380 18.07 -18.70 7.36
N ILE A 381 17.53 -18.08 6.32
CA ILE A 381 16.14 -17.67 6.30
C ILE A 381 15.21 -18.89 6.33
N ALA A 382 15.42 -19.81 5.39
CA ALA A 382 14.57 -21.00 5.26
C ALA A 382 14.77 -22.03 6.38
N GLU A 383 15.91 -21.98 7.08
CA GLU A 383 16.22 -22.93 8.14
C GLU A 383 16.05 -24.38 7.66
N PRO A 415 35.81 -27.10 -14.58
CA PRO A 415 35.62 -25.65 -14.55
C PRO A 415 34.41 -25.21 -15.35
N ASN A 416 34.32 -25.69 -16.59
CA ASN A 416 33.13 -25.45 -17.40
C ASN A 416 31.95 -26.19 -16.78
N MET A 417 32.23 -27.33 -16.16
CA MET A 417 31.21 -28.11 -15.48
C MET A 417 30.73 -27.35 -14.25
N ARG A 418 31.69 -26.82 -13.49
CA ARG A 418 31.37 -26.10 -12.26
C ARG A 418 30.66 -24.76 -12.56
N ARG A 419 31.01 -24.13 -13.67
CA ARG A 419 30.32 -22.94 -14.12
C ARG A 419 28.86 -23.27 -14.43
N GLN A 420 28.65 -24.37 -15.13
CA GLN A 420 27.29 -24.84 -15.44
C GLN A 420 26.55 -25.27 -14.18
N ALA A 421 27.29 -25.80 -13.20
CA ALA A 421 26.68 -26.28 -11.95
C ALA A 421 26.15 -25.14 -11.09
N LYS A 422 26.75 -23.96 -11.23
CA LYS A 422 26.27 -22.78 -10.51
C LYS A 422 24.91 -22.37 -11.02
N ALA A 423 24.74 -22.42 -12.34
CA ALA A 423 23.47 -22.03 -12.96
C ALA A 423 22.38 -23.03 -12.61
N VAL A 424 22.75 -24.30 -12.45
CA VAL A 424 21.77 -25.28 -11.99
C VAL A 424 21.36 -24.95 -10.55
N ASN A 425 22.33 -24.71 -9.68
CA ASN A 425 22.01 -24.45 -8.27
C ASN A 425 21.09 -23.24 -8.08
N TYR A 426 21.48 -22.11 -8.67
CA TYR A 426 20.70 -20.89 -8.54
C TYR A 426 19.39 -21.03 -9.32
N GLY A 427 19.44 -21.70 -10.46
CA GLY A 427 18.26 -21.92 -11.27
C GLY A 427 17.19 -22.67 -10.48
N ILE A 428 17.58 -23.78 -9.88
CA ILE A 428 16.60 -24.60 -9.18
C ILE A 428 16.01 -23.87 -7.99
N VAL A 429 16.85 -23.27 -7.14
CA VAL A 429 16.29 -22.66 -5.93
C VAL A 429 15.39 -21.50 -6.33
N TYR A 430 15.69 -20.84 -7.44
CA TYR A 430 14.87 -19.71 -7.83
C TYR A 430 13.74 -20.07 -8.81
N GLY A 431 13.43 -21.36 -8.91
CA GLY A 431 12.20 -21.80 -9.56
C GLY A 431 12.28 -22.19 -11.03
N ILE A 432 13.44 -22.60 -11.52
CA ILE A 432 13.51 -23.05 -12.90
C ILE A 432 12.53 -24.22 -13.06
N SER A 433 12.03 -24.42 -14.28
CA SER A 433 11.14 -25.56 -14.53
C SER A 433 11.90 -26.68 -15.20
N ASP A 434 11.25 -27.81 -15.35
CA ASP A 434 11.87 -28.94 -16.04
C ASP A 434 12.25 -28.56 -17.47
N TYR A 435 11.46 -27.69 -18.10
CA TYR A 435 11.76 -27.29 -19.46
C TYR A 435 13.06 -26.48 -19.51
N GLY A 436 13.16 -25.47 -18.67
CA GLY A 436 14.35 -24.63 -18.64
C GLY A 436 15.60 -25.41 -18.28
N LEU A 437 15.49 -26.29 -17.30
CA LEU A 437 16.67 -27.04 -16.86
C LEU A 437 17.09 -28.00 -17.97
N ALA A 438 16.12 -28.70 -18.56
CA ALA A 438 16.39 -29.61 -19.66
C ALA A 438 17.09 -28.87 -20.81
N GLN A 439 16.60 -27.69 -21.12
CA GLN A 439 17.18 -26.91 -22.21
C GLN A 439 18.60 -26.47 -21.87
N ASN A 440 18.86 -26.13 -20.61
CA ASN A 440 20.20 -25.68 -20.23
C ASN A 440 21.26 -26.78 -20.19
N LEU A 441 20.86 -27.98 -19.75
CA LEU A 441 21.79 -29.08 -19.68
C LEU A 441 21.71 -29.95 -20.95
N ASN A 442 20.82 -29.57 -21.87
CA ASN A 442 20.58 -30.35 -23.08
C ASN A 442 20.31 -31.80 -22.69
N ILE A 443 19.44 -31.98 -21.70
CA ILE A 443 19.02 -33.30 -21.25
C ILE A 443 17.52 -33.48 -21.48
N SER A 444 17.01 -34.65 -21.12
CA SER A 444 15.59 -34.94 -21.30
C SER A 444 14.76 -34.23 -20.23
N ARG A 445 13.57 -33.79 -20.59
CA ARG A 445 12.71 -33.07 -19.63
C ARG A 445 12.35 -33.96 -18.46
N LYS A 446 12.26 -35.25 -18.72
CA LYS A 446 12.00 -36.23 -17.69
C LYS A 446 13.15 -36.24 -16.70
N GLU A 447 14.37 -36.30 -17.20
CA GLU A 447 15.55 -36.30 -16.36
C GLU A 447 15.65 -35.00 -15.57
N ALA A 448 15.40 -33.88 -16.25
CA ALA A 448 15.46 -32.58 -15.60
C ALA A 448 14.49 -32.52 -14.42
N ALA A 449 13.28 -33.02 -14.65
CA ALA A 449 12.25 -33.04 -13.61
C ALA A 449 12.67 -33.87 -12.39
N GLU A 450 13.43 -34.93 -12.61
CA GLU A 450 13.91 -35.78 -11.53
C GLU A 450 15.04 -35.11 -10.73
N PHE A 451 15.90 -34.36 -11.41
CA PHE A 451 16.92 -33.58 -10.72
C PHE A 451 16.24 -32.64 -9.74
N ILE A 452 15.24 -31.91 -10.21
CA ILE A 452 14.59 -30.89 -9.40
C ILE A 452 13.91 -31.54 -8.19
N GLU A 453 13.23 -32.65 -8.45
CA GLU A 453 12.55 -33.40 -7.40
C GLU A 453 13.54 -33.84 -6.34
N ARG A 454 14.63 -34.45 -6.79
CA ARG A 454 15.73 -34.88 -5.92
C ARG A 454 16.43 -33.74 -5.18
N TYR A 455 16.43 -32.54 -5.77
CA TYR A 455 17.07 -31.38 -5.13
C TYR A 455 16.31 -30.95 -3.89
N PHE A 456 14.98 -30.91 -4.01
CA PHE A 456 14.16 -30.48 -2.91
C PHE A 456 14.03 -31.57 -1.87
N GLU A 457 14.27 -32.80 -2.30
CA GLU A 457 14.37 -33.95 -1.42
C GLU A 457 15.52 -33.71 -0.43
N SER A 458 16.62 -33.18 -0.93
CA SER A 458 17.81 -32.94 -0.11
C SER A 458 17.62 -31.71 0.78
N PHE A 459 16.91 -30.71 0.26
CA PHE A 459 16.73 -29.45 0.97
C PHE A 459 15.24 -29.14 1.12
N PRO A 460 14.52 -29.96 1.91
CA PRO A 460 13.07 -29.79 2.04
C PRO A 460 12.65 -28.49 2.73
N GLY A 461 13.56 -27.86 3.46
CA GLY A 461 13.22 -26.61 4.14
C GLY A 461 13.24 -25.45 3.16
N VAL A 462 14.10 -25.55 2.16
CA VAL A 462 14.11 -24.59 1.05
C VAL A 462 12.77 -24.68 0.32
N LYS A 463 12.35 -25.90 0.04
CA LYS A 463 11.05 -26.14 -0.59
C LYS A 463 9.89 -25.50 0.21
N ARG A 464 9.78 -25.77 1.50
CA ARG A 464 8.68 -25.22 2.31
C ARG A 464 8.73 -23.70 2.27
N TYR A 465 9.94 -23.15 2.40
CA TYR A 465 10.11 -21.71 2.45
C TYR A 465 9.61 -21.05 1.17
N MET A 466 9.98 -21.61 0.03
CA MET A 466 9.57 -21.01 -1.23
C MET A 466 8.06 -21.07 -1.41
N GLU A 467 7.43 -22.13 -0.92
CA GLU A 467 5.97 -22.20 -0.98
C GLU A 467 5.40 -21.13 -0.07
N ASN A 468 5.96 -21.03 1.13
CA ASN A 468 5.43 -20.10 2.12
C ASN A 468 5.58 -18.64 1.69
N ILE A 469 6.74 -18.27 1.15
CA ILE A 469 7.01 -16.86 0.85
C ILE A 469 6.09 -16.36 -0.26
N VAL A 470 5.74 -17.25 -1.18
CA VAL A 470 4.78 -16.90 -2.21
C VAL A 470 3.39 -16.64 -1.63
N GLN A 471 2.94 -17.48 -0.71
CA GLN A 471 1.61 -17.30 -0.14
C GLN A 471 1.55 -15.99 0.65
N GLU A 472 2.64 -15.70 1.36
CA GLU A 472 2.74 -14.46 2.14
C GLU A 472 2.69 -13.21 1.25
N ALA A 473 3.44 -13.24 0.15
CA ALA A 473 3.36 -12.14 -0.79
C ALA A 473 1.92 -11.91 -1.29
N LYS A 474 1.18 -12.99 -1.57
CA LYS A 474 -0.19 -12.82 -2.03
C LYS A 474 -1.07 -12.18 -0.97
N GLN A 475 -0.80 -12.49 0.29
CA GLN A 475 -1.58 -11.98 1.41
C GLN A 475 -1.28 -10.52 1.72
N LYS A 476 0.00 -10.16 1.65
CA LYS A 476 0.47 -8.84 2.09
C LYS A 476 0.62 -7.86 0.93
N GLY A 477 1.00 -8.37 -0.24
CA GLY A 477 1.21 -7.51 -1.38
C GLY A 477 2.65 -7.06 -1.54
N TYR A 478 3.53 -7.52 -0.64
CA TYR A 478 4.96 -7.20 -0.72
C TYR A 478 5.81 -8.26 0.00
N VAL A 479 7.11 -8.26 -0.30
CA VAL A 479 8.09 -9.08 0.42
C VAL A 479 9.18 -8.18 0.97
N THR A 480 9.98 -8.70 1.91
CA THR A 480 10.97 -7.90 2.62
C THR A 480 12.30 -8.63 2.76
N THR A 481 13.37 -7.87 2.99
CA THR A 481 14.68 -8.44 3.22
C THR A 481 15.03 -8.41 4.71
N LEU A 482 16.22 -8.91 5.03
CA LEU A 482 16.68 -8.96 6.40
C LEU A 482 16.72 -7.59 7.04
N LEU A 483 17.15 -6.56 6.31
CA LEU A 483 17.24 -5.23 6.91
C LEU A 483 16.01 -4.37 6.57
N HIS A 484 14.94 -5.03 6.18
CA HIS A 484 13.62 -4.40 6.07
C HIS A 484 13.39 -3.64 4.78
N ARG A 485 14.22 -3.89 3.78
CA ARG A 485 13.96 -3.41 2.43
C ARG A 485 12.69 -4.08 1.92
N ARG A 486 11.92 -3.38 1.10
CA ARG A 486 10.60 -3.86 0.69
C ARG A 486 10.45 -3.84 -0.84
N ARG A 487 9.76 -4.84 -1.40
CA ARG A 487 9.34 -4.80 -2.81
C ARG A 487 7.85 -5.15 -2.89
N TYR A 488 7.05 -4.27 -3.49
CA TYR A 488 5.60 -4.53 -3.64
C TYR A 488 5.35 -5.36 -4.90
N LEU A 489 4.41 -6.29 -4.83
CA LEU A 489 4.18 -7.20 -5.96
C LEU A 489 2.68 -7.27 -6.26
N PRO A 490 2.12 -6.17 -6.77
CA PRO A 490 0.67 -6.10 -6.98
C PRO A 490 0.15 -7.01 -8.10
N ASP A 491 1.05 -7.62 -8.87
CA ASP A 491 0.65 -8.56 -9.92
C ASP A 491 0.50 -9.98 -9.41
N ILE A 492 0.81 -10.24 -8.15
CA ILE A 492 0.92 -11.61 -7.67
C ILE A 492 -0.42 -12.33 -7.50
N THR A 493 -1.53 -11.59 -7.49
CA THR A 493 -2.85 -12.26 -7.51
C THR A 493 -3.50 -12.21 -8.90
N SER A 494 -2.79 -11.72 -9.88
CA SER A 494 -3.30 -11.64 -11.24
C SER A 494 -3.96 -12.95 -11.70
N ARG A 495 -5.04 -12.83 -12.47
CA ARG A 495 -5.67 -14.00 -13.08
C ARG A 495 -4.85 -14.57 -14.25
N ASN A 496 -3.99 -13.75 -14.84
CA ASN A 496 -3.14 -14.17 -15.95
C ASN A 496 -1.95 -14.99 -15.45
N PHE A 497 -1.73 -16.16 -16.06
CA PHE A 497 -0.78 -17.14 -15.57
C PHE A 497 0.63 -16.60 -15.61
N ASN A 498 1.02 -16.10 -16.77
CA ASN A 498 2.34 -15.53 -16.98
C ASN A 498 2.62 -14.44 -15.99
N VAL A 499 1.69 -13.50 -15.88
CA VAL A 499 1.93 -12.33 -15.06
C VAL A 499 2.06 -12.75 -13.61
N ARG A 500 1.19 -13.66 -13.18
CA ARG A 500 1.17 -14.11 -11.78
C ARG A 500 2.43 -14.93 -11.48
N SER A 501 2.83 -15.76 -12.42
CA SER A 501 3.99 -16.62 -12.22
C SER A 501 5.28 -15.81 -12.10
N PHE A 502 5.43 -14.78 -12.93
CA PHE A 502 6.60 -13.91 -12.79
C PHE A 502 6.65 -13.28 -11.41
N ALA A 503 5.50 -12.84 -10.92
CA ALA A 503 5.49 -12.18 -9.62
C ALA A 503 5.81 -13.19 -8.54
N GLU A 504 5.34 -14.42 -8.71
CA GLU A 504 5.62 -15.46 -7.70
C GLU A 504 7.13 -15.72 -7.60
N ARG A 505 7.78 -15.79 -8.74
CA ARG A 505 9.21 -15.99 -8.76
C ARG A 505 9.98 -14.78 -8.20
N MET A 506 9.43 -13.56 -8.32
CA MET A 506 10.03 -12.40 -7.64
C MET A 506 9.91 -12.59 -6.13
N ALA A 507 8.81 -13.15 -5.66
CA ALA A 507 8.70 -13.40 -4.24
C ALA A 507 9.77 -14.38 -3.76
N MET A 508 10.14 -15.34 -4.61
CA MET A 508 11.15 -16.35 -4.24
C MET A 508 12.55 -15.75 -4.26
N ASN A 509 12.77 -14.82 -5.18
CA ASN A 509 14.13 -14.35 -5.44
C ASN A 509 14.49 -13.05 -4.72
N THR A 510 13.56 -12.11 -4.64
CA THR A 510 13.93 -10.76 -4.20
C THR A 510 14.41 -10.72 -2.74
N PRO A 511 13.73 -11.47 -1.85
CA PRO A 511 14.20 -11.44 -0.46
C PRO A 511 15.62 -11.95 -0.27
N ILE A 512 16.06 -12.88 -1.11
CA ILE A 512 17.38 -13.48 -0.96
C ILE A 512 18.45 -12.60 -1.61
N GLN A 513 18.20 -12.19 -2.85
CA GLN A 513 19.16 -11.33 -3.53
C GLN A 513 19.26 -9.98 -2.79
N GLY A 514 18.14 -9.51 -2.26
CA GLY A 514 18.11 -8.20 -1.60
C GLY A 514 18.78 -8.27 -0.25
N SER A 515 18.64 -9.39 0.44
CA SER A 515 19.32 -9.56 1.73
C SER A 515 20.83 -9.61 1.55
N ALA A 516 21.28 -10.32 0.50
CA ALA A 516 22.70 -10.36 0.16
C ALA A 516 23.20 -8.95 -0.16
N ALA A 517 22.35 -8.14 -0.79
CA ALA A 517 22.70 -6.75 -1.07
C ALA A 517 22.81 -5.93 0.22
N ASP A 518 21.84 -6.11 1.11
CA ASP A 518 21.85 -5.45 2.42
C ASP A 518 23.17 -5.74 3.13
N ILE A 519 23.61 -6.99 3.05
CA ILE A 519 24.78 -7.43 3.82
C ILE A 519 26.07 -6.78 3.34
N ILE A 520 26.29 -6.78 2.04
CA ILE A 520 27.55 -6.25 1.55
C ILE A 520 27.55 -4.74 1.70
N LYS A 521 26.38 -4.11 1.65
CA LYS A 521 26.30 -2.68 1.90
C LYS A 521 26.79 -2.38 3.34
N LYS A 522 26.34 -3.16 4.31
CA LYS A 522 26.77 -3.00 5.69
C LYS A 522 28.26 -3.26 5.85
N ALA A 523 28.76 -4.26 5.13
CA ALA A 523 30.20 -4.55 5.12
C ALA A 523 31.04 -3.37 4.62
N MET A 524 30.56 -2.66 3.61
CA MET A 524 31.33 -1.56 3.06
C MET A 524 31.41 -0.47 4.11
N ILE A 525 30.32 -0.26 4.84
CA ILE A 525 30.29 0.77 5.87
C ILE A 525 31.26 0.38 6.99
N ASP A 526 31.14 -0.86 7.45
CA ASP A 526 32.01 -1.37 8.51
C ASP A 526 33.49 -1.37 8.07
N LEU A 527 33.73 -1.66 6.79
CA LEU A 527 35.10 -1.75 6.30
C LEU A 527 35.78 -0.38 6.29
N ASN A 528 35.06 0.63 5.81
CA ASN A 528 35.66 1.95 5.76
C ASN A 528 35.95 2.51 7.14
N ALA A 529 35.08 2.21 8.11
CA ALA A 529 35.32 2.64 9.47
C ALA A 529 36.64 2.06 9.98
N ARG A 530 36.88 0.79 9.68
CA ARG A 530 38.09 0.10 10.15
C ARG A 530 39.33 0.65 9.46
N LEU A 531 39.20 0.92 8.15
CA LEU A 531 40.29 1.51 7.39
C LEU A 531 40.76 2.82 8.04
N LYS A 532 39.81 3.71 8.33
CA LYS A 532 40.11 4.98 8.99
C LYS A 532 40.71 4.78 10.39
N GLU A 533 40.12 3.86 11.15
CA GLU A 533 40.58 3.60 12.51
C GLU A 533 42.06 3.20 12.54
N GLU A 534 42.48 2.44 11.52
CA GLU A 534 43.85 1.95 11.46
C GLU A 534 44.74 2.84 10.58
N ARG A 535 44.16 3.93 10.08
CA ARG A 535 44.89 4.92 9.29
C ARG A 535 45.53 4.32 8.02
N LEU A 536 44.95 3.24 7.50
CA LEU A 536 45.44 2.64 6.27
C LEU A 536 45.13 3.53 5.06
N GLN A 537 46.02 3.53 4.08
CA GLN A 537 45.80 4.29 2.85
C GLN A 537 44.85 3.53 1.90
N ALA A 538 44.69 2.24 2.15
CA ALA A 538 43.83 1.41 1.30
C ALA A 538 42.47 2.06 1.13
N HIS A 539 41.85 1.90 -0.03
CA HIS A 539 40.48 2.35 -0.19
C HIS A 539 39.73 1.54 -1.21
N LEU A 540 38.41 1.54 -1.08
CA LEU A 540 37.52 0.91 -2.03
C LEU A 540 37.55 1.59 -3.39
N LEU A 541 37.55 0.75 -4.42
CA LEU A 541 37.38 1.19 -5.80
C LEU A 541 36.02 0.77 -6.35
N LEU A 542 35.66 -0.50 -6.18
CA LEU A 542 34.47 -1.06 -6.82
C LEU A 542 33.73 -2.00 -5.88
N GLN A 543 32.42 -2.11 -6.11
CA GLN A 543 31.62 -3.20 -5.56
C GLN A 543 31.00 -3.87 -6.78
N VAL A 544 31.00 -5.20 -6.77
CA VAL A 544 30.45 -5.99 -7.85
C VAL A 544 29.52 -7.03 -7.23
N HIS A 545 28.55 -6.52 -6.48
CA HIS A 545 27.39 -7.27 -5.94
C HIS A 545 27.70 -8.13 -4.72
N ASP A 546 28.73 -8.96 -4.83
CA ASP A 546 29.16 -9.78 -3.71
C ASP A 546 30.68 -9.70 -3.58
N GLU A 547 31.26 -8.67 -4.19
CA GLU A 547 32.71 -8.50 -4.21
C GLU A 547 33.09 -7.07 -3.93
N LEU A 548 34.18 -6.89 -3.21
CA LEU A 548 34.77 -5.57 -2.98
C LEU A 548 36.18 -5.52 -3.57
N ILE A 549 36.45 -4.48 -4.33
CA ILE A 549 37.75 -4.30 -4.97
C ILE A 549 38.38 -3.05 -4.40
N LEU A 550 39.61 -3.21 -3.89
CA LEU A 550 40.35 -2.11 -3.24
C LEU A 550 41.70 -1.93 -3.93
N GLU A 551 42.34 -0.80 -3.67
CA GLU A 551 43.76 -0.65 -3.98
C GLU A 551 44.48 -0.14 -2.74
N ALA A 552 45.77 -0.46 -2.63
CA ALA A 552 46.54 -0.07 -1.47
C ALA A 552 48.04 -0.23 -1.74
N PRO A 553 48.86 0.45 -0.94
CA PRO A 553 50.30 0.20 -1.02
C PRO A 553 50.61 -1.29 -0.77
N LYS A 554 51.65 -1.82 -1.41
CA LYS A 554 51.98 -3.23 -1.25
C LYS A 554 52.18 -3.58 0.22
N GLU A 555 52.71 -2.63 0.99
CA GLU A 555 52.99 -2.85 2.40
C GLU A 555 51.74 -3.16 3.21
N GLU A 556 50.57 -2.77 2.71
CA GLU A 556 49.34 -2.97 3.47
C GLU A 556 48.64 -4.28 3.10
N MET A 557 49.26 -5.08 2.24
CA MET A 557 48.63 -6.27 1.70
C MET A 557 48.41 -7.31 2.82
N GLU A 558 49.38 -7.42 3.72
CA GLU A 558 49.28 -8.36 4.82
C GLU A 558 48.11 -8.03 5.74
N ARG A 559 47.97 -6.74 6.07
CA ARG A 559 46.89 -6.30 6.94
C ARG A 559 45.53 -6.47 6.26
N LEU A 560 45.45 -6.16 4.98
CA LEU A 560 44.19 -6.32 4.25
C LEU A 560 43.80 -7.80 4.21
N CYS A 561 44.79 -8.68 4.07
CA CYS A 561 44.50 -10.11 4.00
C CYS A 561 43.74 -10.58 5.25
N ARG A 562 43.93 -9.89 6.36
CA ARG A 562 43.19 -10.21 7.58
C ARG A 562 41.93 -9.35 7.76
N LEU A 563 42.09 -8.03 7.62
CA LEU A 563 41.01 -7.08 7.86
C LEU A 563 39.80 -7.25 6.91
N VAL A 564 40.06 -7.21 5.61
CA VAL A 564 38.95 -7.20 4.65
C VAL A 564 38.04 -8.42 4.83
N PRO A 565 38.61 -9.63 4.86
CA PRO A 565 37.69 -10.77 5.01
C PRO A 565 37.03 -10.83 6.40
N GLU A 566 37.74 -10.41 7.45
CA GLU A 566 37.12 -10.35 8.78
C GLU A 566 35.88 -9.46 8.78
N VAL A 567 36.03 -8.23 8.29
CA VAL A 567 34.92 -7.29 8.32
C VAL A 567 33.74 -7.81 7.49
N MET A 568 34.02 -8.33 6.29
CA MET A 568 32.94 -8.83 5.43
C MET A 568 32.17 -9.98 6.09
N GLU A 569 32.90 -10.88 6.71
CA GLU A 569 32.27 -12.07 7.30
C GLU A 569 31.43 -11.72 8.52
N GLN A 570 31.81 -10.64 9.20
CA GLN A 570 31.19 -10.28 10.47
C GLN A 570 30.13 -9.18 10.28
N ALA A 571 29.90 -8.77 9.04
CA ALA A 571 28.91 -7.73 8.77
C ALA A 571 27.56 -8.07 9.38
N VAL A 572 27.11 -9.31 9.18
CA VAL A 572 25.94 -9.84 9.90
C VAL A 572 26.32 -11.18 10.55
N THR A 573 25.50 -11.61 11.52
CA THR A 573 25.62 -12.95 12.06
C THR A 573 24.38 -13.76 11.66
N LEU A 574 24.58 -14.72 10.76
CA LEU A 574 23.50 -15.62 10.35
C LEU A 574 23.59 -16.91 11.14
N ARG A 575 22.80 -17.91 10.72
CA ARG A 575 22.79 -19.21 11.37
C ARG A 575 23.83 -20.06 10.68
N VAL A 576 24.41 -19.50 9.61
CA VAL A 576 25.52 -20.13 8.93
C VAL A 576 26.61 -19.09 8.76
N PRO A 577 27.87 -19.55 8.67
CA PRO A 577 28.97 -18.59 8.49
C PRO A 577 28.99 -18.00 7.10
N LEU A 578 29.37 -16.73 7.00
CA LEU A 578 29.64 -16.11 5.72
C LEU A 578 31.10 -16.39 5.41
N LYS A 579 31.40 -16.75 4.18
CA LYS A 579 32.77 -17.09 3.80
C LYS A 579 33.27 -16.17 2.72
N VAL A 580 34.48 -15.65 2.89
CA VAL A 580 35.05 -14.70 1.93
C VAL A 580 36.41 -15.16 1.43
N ASP A 581 36.58 -15.14 0.10
CA ASP A 581 37.86 -15.44 -0.53
C ASP A 581 38.52 -14.15 -0.99
N TYR A 582 39.83 -14.10 -1.06
CA TYR A 582 40.54 -12.87 -1.37
C TYR A 582 41.87 -13.13 -2.05
N HIS A 583 42.23 -12.22 -2.95
CA HIS A 583 43.47 -12.32 -3.70
C HIS A 583 43.93 -10.90 -4.04
N TYR A 584 45.20 -10.75 -4.37
CA TYR A 584 45.74 -9.45 -4.75
C TYR A 584 46.86 -9.62 -5.76
N GLY A 585 47.16 -8.55 -6.50
CA GLY A 585 48.10 -8.64 -7.59
C GLY A 585 48.33 -7.30 -8.24
N SER A 586 49.17 -7.28 -9.27
CA SER A 586 49.57 -6.04 -9.94
C SER A 586 48.50 -5.42 -10.81
N THR A 587 47.55 -6.23 -11.28
CA THR A 587 46.41 -5.74 -12.05
C THR A 587 45.17 -6.42 -11.51
N TRP A 588 44.00 -5.97 -11.92
CA TRP A 588 42.78 -6.62 -11.51
C TRP A 588 42.78 -8.07 -11.99
N TYR A 589 43.34 -8.32 -13.17
CA TYR A 589 43.46 -9.70 -13.70
C TYR A 589 44.23 -10.60 -12.74
N ASP A 590 45.31 -10.06 -12.17
CA ASP A 590 46.21 -10.86 -11.36
C ASP A 590 45.72 -11.03 -9.93
N ALA A 591 44.67 -10.30 -9.56
CA ALA A 591 44.10 -10.42 -8.23
C ALA A 591 43.17 -11.62 -8.20
N LYS A 592 43.74 -12.80 -8.42
CA LYS A 592 42.97 -14.03 -8.50
C LYS A 592 43.72 -15.16 -7.83
N ALA B 13 -3.91 8.25 42.05
CA ALA B 13 -3.21 9.21 42.90
C ALA B 13 -3.10 10.54 42.18
N LYS B 14 -1.92 11.13 42.22
CA LYS B 14 -1.69 12.42 41.63
C LYS B 14 -1.27 12.22 40.19
N MET B 15 -1.72 13.13 39.34
CA MET B 15 -1.11 13.37 38.04
C MET B 15 -0.98 14.88 37.89
N ALA B 16 0.25 15.34 37.70
CA ALA B 16 0.53 16.77 37.59
C ALA B 16 0.04 17.35 36.26
N PHE B 17 -0.60 18.51 36.34
CA PHE B 17 -0.96 19.24 35.14
C PHE B 17 -1.22 20.69 35.47
N THR B 18 -1.14 21.52 34.43
CA THR B 18 -1.41 22.94 34.54
C THR B 18 -2.85 23.20 34.18
N LEU B 19 -3.60 23.76 35.11
CA LEU B 19 -4.95 24.20 34.81
C LEU B 19 -4.78 25.61 34.32
N ALA B 20 -4.78 25.77 33.01
CA ALA B 20 -4.32 26.99 32.37
C ALA B 20 -5.43 27.99 32.18
N ASP B 21 -5.09 29.27 32.39
CA ASP B 21 -6.03 30.35 32.20
C ASP B 21 -5.92 30.98 30.81
N ARG B 22 -4.82 30.67 30.12
CA ARG B 22 -4.61 31.16 28.77
C ARG B 22 -3.76 30.16 27.99
N VAL B 23 -3.85 30.21 26.65
CA VAL B 23 -3.00 29.39 25.80
C VAL B 23 -1.55 29.91 25.73
N THR B 24 -0.57 29.02 25.88
CA THR B 24 0.84 29.35 25.74
C THR B 24 1.54 28.55 24.62
N GLU B 25 2.69 29.05 24.18
CA GLU B 25 3.40 28.43 23.06
C GLU B 25 3.75 26.98 23.31
N GLU B 26 4.12 26.64 24.53
CA GLU B 26 4.46 25.23 24.79
C GLU B 26 3.27 24.26 24.66
N MET B 27 2.05 24.78 24.58
CA MET B 27 0.89 23.94 24.36
C MET B 27 0.66 23.65 22.87
N LEU B 28 1.46 24.26 22.01
CA LEU B 28 1.25 24.21 20.57
C LEU B 28 2.39 23.50 19.87
N ALA B 29 2.85 22.43 20.51
CA ALA B 29 3.99 21.66 20.00
C ALA B 29 3.56 20.90 18.76
N ASP B 30 4.53 20.40 18.01
CA ASP B 30 4.16 19.74 16.75
C ASP B 30 3.73 18.27 16.89
N LYS B 31 3.72 17.72 18.11
CA LYS B 31 3.05 16.45 18.39
C LYS B 31 2.43 16.52 19.78
N ALA B 32 1.17 16.10 19.90
CA ALA B 32 0.45 16.14 21.16
C ALA B 32 -0.63 15.09 21.17
N ALA B 33 -0.99 14.64 22.37
CA ALA B 33 -2.27 13.98 22.59
C ALA B 33 -3.26 15.10 22.90
N LEU B 34 -4.44 15.02 22.28
CA LEU B 34 -5.44 16.07 22.40
C LEU B 34 -6.76 15.44 22.77
N VAL B 35 -7.44 16.01 23.76
CA VAL B 35 -8.78 15.63 24.13
C VAL B 35 -9.68 16.87 24.02
N VAL B 36 -10.73 16.74 23.23
CA VAL B 36 -11.75 17.77 23.06
C VAL B 36 -13.05 17.13 23.46
N GLU B 37 -13.50 17.39 24.69
CA GLU B 37 -14.44 16.52 25.33
C GLU B 37 -15.89 16.94 25.09
N VAL B 38 -16.66 15.98 24.56
CA VAL B 38 -18.09 16.14 24.31
C VAL B 38 -18.75 14.97 25.01
N VAL B 39 -19.59 15.29 25.99
CA VAL B 39 -20.19 14.27 26.85
C VAL B 39 -21.48 13.68 26.30
N GLU B 40 -22.25 14.47 25.56
CA GLU B 40 -23.51 14.00 25.01
C GLU B 40 -23.18 12.91 23.97
N GLU B 41 -23.97 11.85 23.93
CA GLU B 41 -23.68 10.74 23.05
C GLU B 41 -23.75 11.16 21.59
N ASN B 42 -24.78 11.95 21.27
CA ASN B 42 -24.92 12.56 19.94
C ASN B 42 -24.18 13.88 20.00
N TYR B 43 -23.03 13.90 19.32
CA TYR B 43 -22.17 15.06 19.41
C TYR B 43 -22.53 16.19 18.44
N HIS B 44 -23.59 16.05 17.67
CA HIS B 44 -23.99 17.14 16.78
C HIS B 44 -24.49 18.35 17.53
N ASP B 45 -23.81 19.47 17.30
CA ASP B 45 -24.14 20.77 17.93
C ASP B 45 -24.16 20.63 19.44
N ALA B 46 -23.24 19.85 19.97
CA ALA B 46 -23.17 19.55 21.41
C ALA B 46 -22.04 20.35 22.04
N PRO B 47 -22.19 20.67 23.34
CA PRO B 47 -21.15 21.43 24.03
C PRO B 47 -19.82 20.74 24.09
N ILE B 48 -18.74 21.50 23.92
CA ILE B 48 -17.41 21.04 24.29
C ILE B 48 -17.16 21.52 25.71
N VAL B 49 -16.83 20.57 26.59
CA VAL B 49 -16.87 20.90 28.03
C VAL B 49 -15.48 21.11 28.59
N GLY B 50 -14.46 20.76 27.82
CA GLY B 50 -13.10 20.91 28.29
C GLY B 50 -12.11 20.39 27.28
N ILE B 51 -10.87 20.81 27.42
CA ILE B 51 -9.82 20.40 26.50
C ILE B 51 -8.58 20.01 27.31
N ALA B 52 -7.90 18.93 26.91
CA ALA B 52 -6.58 18.64 27.47
C ALA B 52 -5.57 18.40 26.36
N VAL B 53 -4.35 18.82 26.65
CA VAL B 53 -3.21 18.64 25.75
C VAL B 53 -2.07 18.04 26.57
N VAL B 54 -1.49 16.95 26.08
CA VAL B 54 -0.28 16.41 26.68
C VAL B 54 0.77 16.36 25.58
N ASN B 55 1.94 16.94 25.85
CA ASN B 55 3.03 16.85 24.92
C ASN B 55 4.36 16.77 25.67
N GLU B 56 5.44 16.86 24.93
CA GLU B 56 6.78 16.78 25.52
C GLU B 56 7.02 17.77 26.65
N HIS B 57 6.29 18.89 26.62
CA HIS B 57 6.47 19.99 27.57
C HIS B 57 5.64 19.88 28.83
N GLY B 58 4.60 19.05 28.80
CA GLY B 58 3.76 18.94 29.98
C GLY B 58 2.35 18.53 29.72
N ARG B 59 1.51 18.72 30.72
CA ARG B 59 0.12 18.35 30.65
C ARG B 59 -0.68 19.57 30.96
N PHE B 60 -1.66 19.86 30.12
CA PHE B 60 -2.45 21.10 30.22
C PHE B 60 -3.94 20.82 30.10
N PHE B 61 -4.72 21.53 30.91
CA PHE B 61 -6.16 21.60 30.77
C PHE B 61 -6.52 23.02 30.37
N LEU B 62 -7.41 23.15 29.40
CA LEU B 62 -7.90 24.44 28.96
C LEU B 62 -9.44 24.48 28.96
N ARG B 63 -9.97 25.63 29.35
CA ARG B 63 -11.40 25.84 29.25
C ARG B 63 -11.76 26.19 27.80
N PRO B 64 -12.85 25.62 27.25
CA PRO B 64 -13.13 25.83 25.82
C PRO B 64 -13.44 27.26 25.44
N GLU B 65 -14.10 27.99 26.32
CA GLU B 65 -14.46 29.40 26.04
C GLU B 65 -13.18 30.19 25.81
N THR B 66 -12.14 29.79 26.53
CA THR B 66 -10.79 30.31 26.39
C THR B 66 -10.12 29.84 25.13
N ALA B 67 -9.83 28.54 25.06
CA ALA B 67 -9.00 27.99 24.04
C ALA B 67 -9.60 28.17 22.65
N LEU B 68 -10.91 27.98 22.53
CA LEU B 68 -11.51 27.98 21.20
C LEU B 68 -11.70 29.37 20.60
N ALA B 69 -11.54 30.42 21.42
CA ALA B 69 -11.57 31.80 20.93
C ALA B 69 -10.15 32.37 20.85
N ASP B 70 -9.15 31.51 21.03
CA ASP B 70 -7.76 31.96 20.97
C ASP B 70 -7.27 31.71 19.55
N PRO B 71 -6.77 32.75 18.88
CA PRO B 71 -6.47 32.54 17.45
C PRO B 71 -5.28 31.60 17.21
N GLN B 72 -4.32 31.60 18.13
CA GLN B 72 -3.19 30.69 18.02
C GLN B 72 -3.59 29.24 18.23
N PHE B 73 -4.49 29.00 19.18
CA PHE B 73 -4.96 27.63 19.41
C PHE B 73 -5.76 27.13 18.22
N VAL B 74 -6.65 27.98 17.72
CA VAL B 74 -7.43 27.61 16.55
C VAL B 74 -6.53 27.32 15.34
N ALA B 75 -5.50 28.14 15.14
CA ALA B 75 -4.58 27.92 14.02
C ALA B 75 -3.86 26.57 14.21
N TRP B 76 -3.43 26.32 15.44
CA TRP B 76 -2.79 25.03 15.78
C TRP B 76 -3.69 23.82 15.48
N LEU B 77 -4.96 23.88 15.90
CA LEU B 77 -5.92 22.80 15.60
C LEU B 77 -5.99 22.55 14.09
N GLY B 78 -5.99 23.63 13.31
CA GLY B 78 -6.18 23.55 11.87
C GLY B 78 -4.94 23.29 11.03
N ASP B 79 -3.79 23.17 11.68
CA ASP B 79 -2.53 22.98 10.95
C ASP B 79 -2.23 21.47 10.82
N GLU B 80 -2.28 20.98 9.59
CA GLU B 80 -2.08 19.55 9.33
C GLU B 80 -0.68 19.10 9.75
N THR B 81 0.27 20.02 9.88
CA THR B 81 1.63 19.64 10.27
C THR B 81 1.85 19.53 11.79
N LYS B 82 0.85 19.96 12.56
CA LYS B 82 0.88 19.78 14.00
C LYS B 82 0.06 18.53 14.28
N LYS B 83 0.75 17.46 14.64
CA LYS B 83 0.12 16.15 14.71
C LYS B 83 -0.53 15.90 16.06
N LYS B 84 -1.73 15.33 16.00
CA LYS B 84 -2.49 15.05 17.19
C LYS B 84 -2.84 13.56 17.29
N SER B 85 -2.62 13.01 18.47
CA SER B 85 -3.14 11.71 18.82
CA SER B 85 -3.13 11.71 18.84
C SER B 85 -4.40 11.87 19.67
N MET B 86 -5.44 11.12 19.31
CA MET B 86 -6.74 11.30 19.93
C MET B 86 -7.45 9.94 20.13
N PHE B 87 -8.61 10.01 20.77
CA PHE B 87 -9.55 8.90 20.84
C PHE B 87 -10.91 9.43 20.36
N ASP B 88 -11.44 8.80 19.31
CA ASP B 88 -12.67 9.24 18.62
C ASP B 88 -12.49 10.64 18.09
N SER B 89 -11.57 10.75 17.14
CA SER B 89 -11.29 12.04 16.51
C SER B 89 -12.46 12.56 15.70
N LYS B 90 -13.27 11.66 15.14
CA LYS B 90 -14.46 12.13 14.42
C LYS B 90 -15.42 12.91 15.33
N ARG B 91 -15.65 12.41 16.53
CA ARG B 91 -16.49 13.12 17.49
C ARG B 91 -15.94 14.54 17.74
N ALA B 92 -14.63 14.66 17.98
CA ALA B 92 -14.01 15.98 18.16
C ALA B 92 -14.11 16.85 16.92
N ALA B 93 -13.81 16.26 15.77
CA ALA B 93 -13.82 17.00 14.50
C ALA B 93 -15.20 17.59 14.23
N VAL B 94 -16.25 16.79 14.40
CA VAL B 94 -17.59 17.24 14.11
C VAL B 94 -18.03 18.29 15.14
N ALA B 95 -17.78 18.02 16.41
CA ALA B 95 -18.17 19.00 17.45
C ALA B 95 -17.48 20.33 17.16
N LEU B 96 -16.21 20.27 16.75
CA LEU B 96 -15.51 21.48 16.36
C LEU B 96 -16.10 22.16 15.12
N LYS B 97 -16.53 21.39 14.13
CA LYS B 97 -17.18 21.98 12.98
C LYS B 97 -18.42 22.73 13.41
N TRP B 98 -19.14 22.22 14.42
CA TRP B 98 -20.34 22.90 14.91
C TRP B 98 -20.00 24.20 15.68
N LYS B 99 -18.76 24.30 16.12
CA LYS B 99 -18.22 25.54 16.75
C LYS B 99 -17.47 26.41 15.74
N GLY B 100 -17.55 26.04 14.47
CA GLY B 100 -16.93 26.76 13.38
C GLY B 100 -15.42 26.66 13.26
N ILE B 101 -14.87 25.52 13.66
CA ILE B 101 -13.42 25.34 13.75
C ILE B 101 -13.00 24.03 13.07
N GLU B 102 -11.96 24.11 12.27
CA GLU B 102 -11.39 22.98 11.55
C GLU B 102 -10.28 22.31 12.32
N LEU B 103 -10.41 20.99 12.46
CA LEU B 103 -9.39 20.11 13.03
C LEU B 103 -8.66 19.35 11.95
N CYS B 104 -7.34 19.53 11.90
CA CYS B 104 -6.50 18.82 10.97
C CYS B 104 -5.35 18.16 11.72
N GLY B 105 -4.64 17.26 11.05
CA GLY B 105 -3.42 16.74 11.64
C GLY B 105 -3.55 15.55 12.58
N VAL B 106 -4.70 14.89 12.58
CA VAL B 106 -4.90 13.74 13.45
C VAL B 106 -4.10 12.60 12.85
N SER B 107 -3.12 12.12 13.59
CA SER B 107 -2.19 11.10 13.11
C SER B 107 -2.40 9.73 13.77
N PHE B 108 -3.14 9.69 14.87
CA PHE B 108 -3.43 8.46 15.58
C PHE B 108 -4.77 8.56 16.29
N ASP B 109 -5.63 7.58 16.05
CA ASP B 109 -6.91 7.50 16.73
C ASP B 109 -6.98 6.19 17.49
N LEU B 110 -6.89 6.27 18.80
CA LEU B 110 -6.87 5.08 19.68
C LEU B 110 -8.15 4.27 19.59
N LEU B 111 -9.30 4.92 19.34
CA LEU B 111 -10.54 4.20 19.23
C LEU B 111 -10.47 3.27 18.03
N LEU B 112 -10.03 3.82 16.90
CA LEU B 112 -9.94 3.00 15.70
C LEU B 112 -8.86 1.92 15.82
N ALA B 113 -7.76 2.24 16.48
CA ALA B 113 -6.69 1.28 16.69
C ALA B 113 -7.20 0.09 17.51
N ALA B 114 -7.93 0.37 18.58
CA ALA B 114 -8.48 -0.70 19.42
C ALA B 114 -9.48 -1.51 18.63
N TYR B 115 -10.30 -0.83 17.83
CA TYR B 115 -11.30 -1.51 16.99
C TYR B 115 -10.66 -2.49 16.04
N LEU B 116 -9.57 -2.08 15.41
CA LEU B 116 -8.91 -2.97 14.49
C LEU B 116 -8.26 -4.15 15.20
N LEU B 117 -7.65 -3.93 16.37
CA LEU B 117 -7.02 -5.05 17.08
C LEU B 117 -8.01 -6.10 17.56
N ASP B 118 -9.19 -5.68 17.96
CA ASP B 118 -10.19 -6.62 18.45
C ASP B 118 -11.54 -5.93 18.59
N PRO B 119 -12.36 -6.04 17.57
CA PRO B 119 -13.64 -5.32 17.60
C PRO B 119 -14.58 -5.85 18.71
N ALA B 120 -14.31 -7.00 19.29
CA ALA B 120 -15.23 -7.68 20.24
C ALA B 120 -15.09 -7.06 21.62
N GLN B 121 -14.05 -6.29 21.81
CA GLN B 121 -13.86 -5.63 23.11
C GLN B 121 -14.95 -4.59 23.35
N GLY B 122 -15.55 -4.06 22.28
CA GLY B 122 -16.61 -3.06 22.42
C GLY B 122 -16.05 -1.76 22.97
N VAL B 123 -14.79 -1.50 22.66
CA VAL B 123 -14.14 -0.35 23.24
C VAL B 123 -14.92 0.92 22.94
N ASP B 124 -15.34 1.57 24.02
CA ASP B 124 -16.21 2.71 23.96
C ASP B 124 -15.60 3.87 24.72
N ASP B 125 -14.50 3.63 25.45
CA ASP B 125 -13.83 4.76 26.04
C ASP B 125 -12.34 4.51 26.19
N VAL B 126 -11.62 5.58 26.53
CA VAL B 126 -10.17 5.48 26.65
C VAL B 126 -9.80 4.39 27.65
N ALA B 127 -10.50 4.32 28.78
CA ALA B 127 -10.14 3.37 29.81
C ALA B 127 -10.21 1.93 29.30
N ALA B 128 -11.21 1.64 28.48
CA ALA B 128 -11.34 0.30 27.94
C ALA B 128 -10.17 -0.03 27.01
N ALA B 129 -9.79 0.93 26.16
CA ALA B 129 -8.67 0.72 25.25
C ALA B 129 -7.39 0.50 26.07
N ALA B 130 -7.21 1.34 27.09
CA ALA B 130 -6.00 1.35 27.88
C ALA B 130 -5.80 0.02 28.58
N LYS B 131 -6.89 -0.56 29.06
CA LYS B 131 -6.81 -1.84 29.73
C LYS B 131 -6.28 -2.96 28.84
N MET B 132 -6.38 -2.80 27.49
CA MET B 132 -5.83 -3.79 26.54
C MET B 132 -4.31 -3.86 26.65
N LYS B 133 -3.69 -2.79 27.13
CA LYS B 133 -2.24 -2.78 27.30
C LYS B 133 -1.80 -2.52 28.77
N GLN B 134 -2.55 -3.07 29.70
CA GLN B 134 -2.25 -3.01 31.15
C GLN B 134 -2.02 -1.58 31.66
N TYR B 135 -2.72 -0.64 31.06
CA TYR B 135 -2.70 0.76 31.51
C TYR B 135 -4.02 1.10 32.18
N GLU B 136 -3.97 1.49 33.46
CA GLU B 136 -5.18 1.65 34.27
C GLU B 136 -5.18 2.95 35.05
N ALA B 137 -4.32 3.89 34.64
CA ALA B 137 -4.21 5.17 35.35
C ALA B 137 -5.20 6.19 34.75
N VAL B 138 -6.44 5.75 34.54
CA VAL B 138 -7.47 6.54 33.87
C VAL B 138 -8.77 5.88 34.25
N ARG B 139 -9.80 6.68 34.47
CA ARG B 139 -11.11 6.15 34.87
CA ARG B 139 -11.13 6.20 34.87
C ARG B 139 -12.03 5.99 33.66
N PRO B 140 -12.99 5.07 33.76
CA PRO B 140 -14.00 4.98 32.69
C PRO B 140 -14.85 6.23 32.65
N ASP B 141 -15.25 6.65 31.46
CA ASP B 141 -16.11 7.82 31.33
C ASP B 141 -17.34 7.73 32.19
N GLU B 142 -17.98 6.56 32.24
CA GLU B 142 -19.23 6.44 33.02
C GLU B 142 -18.99 6.66 34.52
N ALA B 143 -17.79 6.31 35.01
CA ALA B 143 -17.46 6.52 36.40
C ALA B 143 -17.40 8.00 36.74
N VAL B 144 -16.94 8.79 35.78
CA VAL B 144 -16.79 10.23 35.97
C VAL B 144 -18.10 11.00 35.80
N TYR B 145 -18.85 10.67 34.75
CA TYR B 145 -20.01 11.45 34.34
C TYR B 145 -21.32 10.91 34.90
N GLY B 146 -21.33 9.65 35.30
CA GLY B 146 -22.56 9.03 35.77
C GLY B 146 -23.42 8.57 34.60
N LYS B 147 -24.59 8.04 34.90
CA LYS B 147 -25.43 7.54 33.82
C LYS B 147 -26.89 7.94 33.94
N GLY B 148 -27.58 7.88 32.81
CA GLY B 148 -28.97 8.24 32.71
C GLY B 148 -29.25 9.62 33.24
N ALA B 149 -30.27 9.74 34.05
CA ALA B 149 -30.71 11.02 34.57
C ALA B 149 -29.69 11.64 35.53
N LYS B 150 -28.68 10.88 35.95
CA LYS B 150 -27.69 11.40 36.87
C LYS B 150 -26.44 11.86 36.15
N ARG B 151 -26.43 11.73 34.82
CA ARG B 151 -25.27 12.11 34.02
C ARG B 151 -25.04 13.61 34.19
N ALA B 152 -23.80 13.99 34.48
CA ALA B 152 -23.47 15.39 34.69
C ALA B 152 -21.96 15.64 34.52
N VAL B 153 -21.60 16.83 34.07
CA VAL B 153 -20.20 17.23 34.10
C VAL B 153 -19.81 17.52 35.55
N PRO B 154 -18.69 16.95 36.02
CA PRO B 154 -18.27 17.19 37.40
C PRO B 154 -17.60 18.55 37.62
N ASP B 155 -17.35 18.88 38.88
CA ASP B 155 -16.61 20.07 39.25
C ASP B 155 -15.33 20.14 38.43
N GLU B 156 -14.91 21.35 38.08
CA GLU B 156 -13.74 21.53 37.21
C GLU B 156 -12.47 20.72 37.55
N PRO B 157 -12.05 20.66 38.82
CA PRO B 157 -10.82 19.90 39.10
C PRO B 157 -10.91 18.43 38.74
N VAL B 158 -12.10 17.87 38.93
CA VAL B 158 -12.38 16.46 38.65
C VAL B 158 -12.44 16.23 37.14
N LEU B 159 -13.11 17.15 36.43
CA LEU B 159 -13.16 17.10 35.00
C LEU B 159 -11.77 17.23 34.41
N ALA B 160 -11.01 18.19 34.91
CA ALA B 160 -9.70 18.47 34.33
C ALA B 160 -8.76 17.29 34.54
N GLU B 161 -8.78 16.70 35.73
CA GLU B 161 -7.93 15.52 35.95
C GLU B 161 -8.30 14.37 35.01
N HIS B 162 -9.59 14.16 34.81
CA HIS B 162 -10.04 13.09 33.89
C HIS B 162 -9.54 13.32 32.48
N LEU B 163 -9.72 14.54 31.94
CA LEU B 163 -9.32 14.80 30.56
C LEU B 163 -7.81 14.66 30.41
N VAL B 164 -7.06 15.15 31.40
CA VAL B 164 -5.60 15.06 31.36
C VAL B 164 -5.19 13.58 31.42
N ARG B 165 -5.83 12.81 32.29
CA ARG B 165 -5.51 11.36 32.33
C ARG B 165 -5.84 10.63 31.04
N LYS B 166 -6.91 11.04 30.37
CA LYS B 166 -7.23 10.45 29.07
C LYS B 166 -6.16 10.82 28.06
N ALA B 167 -5.77 12.08 28.03
CA ALA B 167 -4.70 12.53 27.13
C ALA B 167 -3.36 11.81 27.41
N ALA B 168 -3.01 11.67 28.68
CA ALA B 168 -1.76 11.02 29.07
C ALA B 168 -1.82 9.56 28.61
N ALA B 169 -2.99 8.91 28.73
CA ALA B 169 -3.12 7.51 28.30
C ALA B 169 -2.88 7.41 26.78
N ILE B 170 -3.53 8.27 26.02
CA ILE B 170 -3.34 8.30 24.59
C ILE B 170 -1.88 8.52 24.24
N TRP B 171 -1.22 9.45 24.94
CA TRP B 171 0.20 9.74 24.73
C TRP B 171 1.09 8.50 24.87
N GLU B 172 0.78 7.67 25.87
CA GLU B 172 1.60 6.51 26.22
C GLU B 172 1.25 5.30 25.37
N LEU B 173 0.01 5.24 24.88
CA LEU B 173 -0.52 4.04 24.28
C LEU B 173 -0.28 3.94 22.78
N GLU B 174 0.02 5.06 22.12
CA GLU B 174 0.18 5.04 20.69
C GLU B 174 1.19 3.98 20.26
N ARG B 175 2.34 3.99 20.90
CA ARG B 175 3.41 3.08 20.52
C ARG B 175 3.05 1.59 20.66
N PRO B 176 2.55 1.14 21.82
CA PRO B 176 2.20 -0.28 21.92
C PRO B 176 1.05 -0.68 20.99
N PHE B 177 0.12 0.25 20.73
CA PHE B 177 -0.96 -0.08 19.79
C PHE B 177 -0.42 -0.20 18.36
N LEU B 178 0.42 0.74 17.95
CA LEU B 178 0.98 0.66 16.62
C LEU B 178 1.82 -0.59 16.46
N ASP B 179 2.54 -0.99 17.52
CA ASP B 179 3.39 -2.18 17.45
C ASP B 179 2.56 -3.42 17.16
N GLU B 180 1.45 -3.58 17.87
CA GLU B 180 0.61 -4.72 17.64
C GLU B 180 -0.06 -4.63 16.28
N LEU B 181 -0.52 -3.44 15.88
CA LEU B 181 -1.10 -3.30 14.55
C LEU B 181 -0.11 -3.76 13.47
N ARG B 182 1.15 -3.33 13.59
CA ARG B 182 2.19 -3.75 12.65
C ARG B 182 2.32 -5.28 12.59
N ARG B 183 2.33 -5.92 13.77
CA ARG B 183 2.45 -7.36 13.83
C ARG B 183 1.31 -8.08 13.13
N ASN B 184 0.12 -7.49 13.19
CA ASN B 184 -1.10 -8.04 12.60
C ASN B 184 -1.27 -7.65 11.13
N GLU B 185 -0.32 -6.89 10.61
CA GLU B 185 -0.42 -6.34 9.24
C GLU B 185 -1.59 -5.38 9.09
N GLN B 186 -1.84 -4.62 10.16
CA GLN B 186 -2.96 -3.67 10.19
C GLN B 186 -2.53 -2.22 10.33
N ASP B 187 -1.23 -1.95 10.34
CA ASP B 187 -0.88 -0.53 10.50
C ASP B 187 -1.34 0.33 9.33
N ARG B 188 -1.21 -0.15 8.09
CA ARG B 188 -1.72 0.65 6.96
C ARG B 188 -3.26 0.71 6.95
N LEU B 189 -3.92 -0.35 7.41
CA LEU B 189 -5.37 -0.33 7.54
C LEU B 189 -5.85 0.82 8.44
N LEU B 190 -5.11 1.06 9.52
CA LEU B 190 -5.43 2.20 10.39
C LEU B 190 -5.11 3.53 9.70
N VAL B 191 -3.86 3.70 9.26
CA VAL B 191 -3.32 4.99 8.81
CA VAL B 191 -3.42 5.03 8.87
C VAL B 191 -3.75 5.44 7.44
N GLU B 192 -3.92 4.48 6.52
CA GLU B 192 -4.23 4.78 5.14
C GLU B 192 -5.72 4.49 4.82
N LEU B 193 -6.44 3.80 5.72
CA LEU B 193 -7.87 3.54 5.47
C LEU B 193 -8.79 4.13 6.54
N GLU B 194 -8.71 3.62 7.76
CA GLU B 194 -9.71 4.01 8.74
C GLU B 194 -9.55 5.48 9.14
N GLN B 195 -8.32 5.94 9.33
CA GLN B 195 -8.14 7.35 9.78
C GLN B 195 -8.60 8.33 8.70
N PRO B 196 -8.18 8.15 7.43
CA PRO B 196 -8.69 9.07 6.40
C PRO B 196 -10.20 8.97 6.28
N LEU B 197 -10.76 7.78 6.45
CA LEU B 197 -12.21 7.61 6.29
C LEU B 197 -12.92 8.39 7.40
N SER B 198 -12.34 8.40 8.59
CA SER B 198 -12.95 9.13 9.72
C SER B 198 -13.20 10.60 9.35
N SER B 199 -12.24 11.24 8.69
CA SER B 199 -12.36 12.62 8.29
C SER B 199 -13.45 12.79 7.27
N ILE B 200 -13.56 11.83 6.36
CA ILE B 200 -14.60 11.84 5.31
C ILE B 200 -15.99 11.69 5.94
N LEU B 201 -16.12 10.74 6.86
CA LEU B 201 -17.37 10.58 7.58
C LEU B 201 -17.76 11.84 8.33
N ALA B 202 -16.77 12.52 8.93
CA ALA B 202 -17.04 13.74 9.67
C ALA B 202 -17.66 14.79 8.74
N GLU B 203 -17.13 14.94 7.52
CA GLU B 203 -17.67 15.85 6.54
C GLU B 203 -19.09 15.45 6.16
N MET B 204 -19.33 14.18 5.94
CA MET B 204 -20.65 13.68 5.56
C MET B 204 -21.69 14.01 6.66
N GLU B 205 -21.35 13.70 7.91
CA GLU B 205 -22.23 13.86 9.04
C GLU B 205 -22.57 15.32 9.22
N PHE B 206 -21.55 16.18 9.13
CA PHE B 206 -21.76 17.62 9.35
C PHE B 206 -22.56 18.20 8.19
N ALA B 207 -22.35 17.74 6.96
CA ALA B 207 -23.15 18.24 5.84
C ALA B 207 -24.63 17.98 6.05
N GLY B 208 -24.93 16.76 6.50
CA GLY B 208 -26.33 16.35 6.64
C GLY B 208 -27.04 16.16 5.34
N VAL B 209 -28.28 15.66 5.44
CA VAL B 209 -29.15 15.47 4.30
C VAL B 209 -30.41 16.30 4.50
N LYS B 210 -30.79 17.08 3.49
CA LYS B 210 -31.97 17.90 3.57
C LYS B 210 -33.24 17.08 3.39
N VAL B 211 -34.24 17.46 4.17
CA VAL B 211 -35.55 16.81 4.17
C VAL B 211 -36.65 17.79 3.75
N ASP B 212 -37.57 17.30 2.92
CA ASP B 212 -38.70 18.06 2.48
C ASP B 212 -39.77 17.79 3.49
N THR B 213 -39.88 18.64 4.52
CA THR B 213 -40.78 18.36 5.63
C THR B 213 -42.25 18.57 5.29
N LYS B 214 -42.53 19.46 4.33
CA LYS B 214 -43.90 19.70 3.89
C LYS B 214 -44.40 18.40 3.27
N ARG B 215 -43.54 17.77 2.46
CA ARG B 215 -43.92 16.53 1.77
C ARG B 215 -44.02 15.39 2.74
N LEU B 216 -43.10 15.32 3.69
CA LEU B 216 -43.09 14.25 4.68
C LEU B 216 -44.34 14.34 5.53
N GLU B 217 -44.67 15.56 5.95
CA GLU B 217 -45.79 15.77 6.84
C GLU B 217 -47.09 15.42 6.14
N GLN B 218 -47.19 15.71 4.85
CA GLN B 218 -48.38 15.35 4.10
C GLN B 218 -48.48 13.83 3.93
N MET B 219 -47.35 13.18 3.64
CA MET B 219 -47.33 11.72 3.54
C MET B 219 -47.81 11.13 4.86
N GLY B 220 -47.43 11.75 5.97
CA GLY B 220 -47.88 11.28 7.27
C GLY B 220 -49.36 11.42 7.51
N LYS B 221 -49.95 12.50 7.02
CA LYS B 221 -51.39 12.72 7.19
C LYS B 221 -52.18 11.64 6.43
N GLU B 222 -51.78 11.40 5.19
CA GLU B 222 -52.42 10.38 4.35
C GLU B 222 -52.21 8.95 4.88
N LEU B 223 -51.00 8.66 5.32
CA LEU B 223 -50.72 7.40 5.97
C LEU B 223 -51.64 7.14 7.17
N ALA B 224 -51.92 8.19 7.95
CA ALA B 224 -52.71 8.03 9.16
C ALA B 224 -54.12 7.61 8.82
N GLU B 225 -54.68 8.21 7.78
CA GLU B 225 -56.02 7.82 7.39
C GLU B 225 -56.04 6.40 6.83
N GLN B 226 -55.03 6.04 6.04
CA GLN B 226 -54.94 4.66 5.54
C GLN B 226 -54.76 3.61 6.67
N LEU B 227 -53.88 3.90 7.62
CA LEU B 227 -53.75 3.07 8.82
C LEU B 227 -55.12 2.80 9.41
N GLY B 228 -55.92 3.85 9.57
CA GLY B 228 -57.21 3.75 10.23
C GLY B 228 -58.15 2.83 9.48
N THR B 229 -58.14 2.95 8.16
CA THR B 229 -58.98 2.11 7.32
C THR B 229 -58.60 0.66 7.50
N VAL B 230 -57.30 0.42 7.49
CA VAL B 230 -56.76 -0.94 7.55
C VAL B 230 -57.04 -1.53 8.92
N GLU B 231 -56.87 -0.69 9.95
CA GLU B 231 -57.18 -1.07 11.33
C GLU B 231 -58.62 -1.56 11.48
N GLN B 232 -59.57 -0.76 11.01
CA GLN B 232 -60.96 -1.12 11.17
C GLN B 232 -61.31 -2.39 10.41
N ARG B 233 -60.65 -2.63 9.29
CA ARG B 233 -60.90 -3.84 8.53
C ARG B 233 -60.39 -5.06 9.28
N ILE B 234 -59.24 -4.90 9.94
CA ILE B 234 -58.71 -5.95 10.80
C ILE B 234 -59.67 -6.27 11.96
N TYR B 235 -60.23 -5.25 12.60
CA TYR B 235 -61.15 -5.48 13.70
C TYR B 235 -62.42 -6.16 13.22
N GLU B 236 -62.90 -5.79 12.03
CA GLU B 236 -64.04 -6.46 11.43
C GLU B 236 -63.78 -7.96 11.22
N LEU B 237 -62.65 -8.26 10.62
CA LEU B 237 -62.28 -9.63 10.34
C LEU B 237 -62.06 -10.43 11.61
N ALA B 238 -61.54 -9.79 12.67
CA ALA B 238 -61.26 -10.51 13.92
C ALA B 238 -62.52 -10.63 14.77
N GLY B 239 -63.50 -9.80 14.50
CA GLY B 239 -64.73 -9.78 15.28
C GLY B 239 -64.55 -9.07 16.62
N GLN B 240 -63.48 -8.28 16.74
CA GLN B 240 -63.05 -7.73 18.02
C GLN B 240 -62.01 -6.65 17.80
N GLU B 241 -62.02 -5.59 18.61
CA GLU B 241 -60.91 -4.64 18.66
C GLU B 241 -59.83 -5.19 19.57
N PHE B 242 -58.58 -4.97 19.18
CA PHE B 242 -57.43 -5.38 19.98
C PHE B 242 -56.22 -4.56 19.52
N ASN B 243 -55.11 -4.66 20.23
CA ASN B 243 -53.91 -3.92 19.84
C ASN B 243 -53.07 -4.77 18.89
N ILE B 244 -53.11 -4.39 17.61
CA ILE B 244 -52.48 -5.19 16.56
C ILE B 244 -50.97 -5.12 16.68
N ASN B 245 -50.48 -4.06 17.33
CA ASN B 245 -49.06 -3.88 17.54
C ASN B 245 -48.54 -4.62 18.77
N SER B 246 -49.40 -5.42 19.37
CA SER B 246 -48.96 -6.24 20.47
C SER B 246 -48.94 -7.72 20.07
N PRO B 247 -47.74 -8.29 19.84
CA PRO B 247 -47.72 -9.71 19.44
C PRO B 247 -48.45 -10.61 20.39
N LYS B 248 -48.44 -10.27 21.67
CA LYS B 248 -49.17 -11.02 22.67
C LYS B 248 -50.69 -11.03 22.43
N GLN B 249 -51.28 -9.85 22.25
CA GLN B 249 -52.70 -9.74 22.01
C GLN B 249 -53.05 -10.37 20.66
N LEU B 250 -52.15 -10.19 19.69
CA LEU B 250 -52.39 -10.67 18.31
C LEU B 250 -52.40 -12.20 18.34
N GLY B 251 -51.48 -12.78 19.10
CA GLY B 251 -51.41 -14.23 19.19
C GLY B 251 -52.68 -14.81 19.79
N VAL B 252 -53.28 -14.13 20.76
CA VAL B 252 -54.53 -14.61 21.32
C VAL B 252 -55.62 -14.60 20.24
N ILE B 253 -55.66 -13.54 19.44
CA ILE B 253 -56.67 -13.47 18.42
C ILE B 253 -56.48 -14.59 17.40
N LEU B 254 -55.24 -14.78 16.94
CA LEU B 254 -55.00 -15.68 15.83
C LEU B 254 -55.12 -17.14 16.24
N PHE B 255 -54.57 -17.45 17.41
CA PHE B 255 -54.35 -18.85 17.78
C PHE B 255 -55.30 -19.35 18.83
N GLU B 256 -56.00 -18.44 19.50
CA GLU B 256 -57.08 -18.83 20.41
C GLU B 256 -58.46 -18.47 19.83
N LYS B 257 -58.72 -17.20 19.56
CA LYS B 257 -60.03 -16.85 19.03
C LYS B 257 -60.29 -17.50 17.67
N LEU B 258 -59.35 -17.31 16.73
CA LEU B 258 -59.52 -17.77 15.35
C LEU B 258 -59.06 -19.22 15.14
N GLN B 259 -58.39 -19.80 16.13
CA GLN B 259 -57.99 -21.20 16.10
C GLN B 259 -57.12 -21.56 14.91
N LEU B 260 -56.26 -20.64 14.49
CA LEU B 260 -55.34 -20.94 13.39
C LEU B 260 -54.21 -21.82 13.91
N PRO B 261 -53.60 -22.61 13.03
CA PRO B 261 -52.51 -23.48 13.51
C PRO B 261 -51.33 -22.70 14.11
N VAL B 262 -50.73 -23.26 15.15
CA VAL B 262 -49.51 -22.70 15.74
C VAL B 262 -48.29 -23.31 15.06
N LEU B 263 -47.60 -22.50 14.26
CA LEU B 263 -46.51 -23.00 13.45
C LEU B 263 -45.18 -22.87 14.16
N LYS B 264 -45.08 -21.91 15.08
CA LYS B 264 -43.83 -21.58 15.77
C LYS B 264 -44.13 -20.92 17.13
N LYS B 265 -43.32 -21.24 18.13
CA LYS B 265 -43.42 -20.56 19.43
C LYS B 265 -42.07 -19.94 19.75
N THR B 266 -42.06 -18.85 20.50
CA THR B 266 -40.81 -18.40 21.10
C THR B 266 -40.90 -18.52 22.61
N LYS B 267 -39.89 -18.02 23.32
CA LYS B 267 -39.87 -18.19 24.76
C LYS B 267 -41.00 -17.45 25.45
N THR B 268 -41.53 -16.38 24.82
CA THR B 268 -42.63 -15.64 25.42
C THR B 268 -44.02 -16.12 25.00
N GLY B 269 -44.12 -16.88 23.91
CA GLY B 269 -45.41 -17.41 23.49
C GLY B 269 -45.48 -17.66 21.99
N TYR B 270 -46.68 -17.48 21.42
CA TYR B 270 -46.90 -17.79 20.01
C TYR B 270 -46.16 -16.80 19.15
N SER B 271 -45.49 -17.29 18.11
CA SER B 271 -44.87 -16.41 17.16
C SER B 271 -45.91 -15.75 16.25
N THR B 272 -45.75 -14.44 15.99
CA THR B 272 -46.55 -13.77 14.95
C THR B 272 -45.62 -13.11 13.93
N SER B 273 -44.50 -13.75 13.65
CA SER B 273 -43.49 -13.15 12.78
C SER B 273 -44.09 -13.06 11.39
N ALA B 274 -43.54 -12.21 10.54
CA ALA B 274 -44.03 -12.10 9.18
C ALA B 274 -43.95 -13.45 8.44
N ASP B 275 -42.89 -14.22 8.65
CA ASP B 275 -42.75 -15.51 7.96
C ASP B 275 -43.91 -16.46 8.33
N VAL B 276 -44.25 -16.50 9.62
CA VAL B 276 -45.39 -17.29 10.10
C VAL B 276 -46.70 -16.80 9.51
N LEU B 277 -46.96 -15.50 9.57
CA LEU B 277 -48.22 -14.98 9.10
C LEU B 277 -48.38 -15.24 7.62
N GLU B 278 -47.29 -15.14 6.86
CA GLU B 278 -47.40 -15.44 5.44
C GLU B 278 -47.83 -16.88 5.22
N LYS B 279 -47.34 -17.80 6.04
CA LYS B 279 -47.70 -19.20 5.88
C LYS B 279 -49.17 -19.48 6.26
N LEU B 280 -49.81 -18.55 6.97
CA LEU B 280 -51.18 -18.76 7.43
C LEU B 280 -52.21 -18.18 6.46
N ALA B 281 -51.76 -17.59 5.36
CA ALA B 281 -52.69 -16.94 4.43
C ALA B 281 -53.77 -17.86 3.86
N PRO B 282 -53.45 -19.15 3.67
CA PRO B 282 -54.50 -20.08 3.22
C PRO B 282 -55.57 -20.37 4.26
N TYR B 283 -55.36 -19.94 5.49
CA TYR B 283 -56.32 -20.19 6.57
C TYR B 283 -57.25 -19.02 6.87
N HIS B 284 -56.79 -17.80 6.63
CA HIS B 284 -57.61 -16.64 6.97
C HIS B 284 -57.05 -15.40 6.31
N GLU B 285 -57.89 -14.62 5.66
CA GLU B 285 -57.40 -13.42 4.97
C GLU B 285 -56.94 -12.34 5.93
N ILE B 286 -57.15 -12.52 7.24
CA ILE B 286 -56.81 -11.45 8.19
C ILE B 286 -55.30 -11.28 8.28
N VAL B 287 -54.54 -12.34 8.05
CA VAL B 287 -53.09 -12.26 8.29
C VAL B 287 -52.40 -11.33 7.31
N GLU B 288 -52.91 -11.26 6.08
CA GLU B 288 -52.34 -10.36 5.09
C GLU B 288 -52.61 -8.91 5.47
N ASN B 289 -53.79 -8.63 5.98
CA ASN B 289 -54.14 -7.28 6.40
C ASN B 289 -53.26 -6.88 7.57
N ILE B 290 -53.01 -7.82 8.49
CA ILE B 290 -52.16 -7.52 9.64
C ILE B 290 -50.74 -7.22 9.18
N LEU B 291 -50.22 -7.94 8.20
CA LEU B 291 -48.87 -7.65 7.76
C LEU B 291 -48.81 -6.24 7.20
N HIS B 292 -49.82 -5.87 6.43
CA HIS B 292 -49.90 -4.54 5.84
C HIS B 292 -49.98 -3.47 6.90
N TYR B 293 -50.82 -3.69 7.92
CA TYR B 293 -50.95 -2.72 9.00
C TYR B 293 -49.61 -2.50 9.71
N ARG B 294 -48.88 -3.58 9.97
CA ARG B 294 -47.61 -3.46 10.71
C ARG B 294 -46.53 -2.78 9.87
N GLN B 295 -46.60 -2.97 8.57
CA GLN B 295 -45.75 -2.22 7.65
C GLN B 295 -46.05 -0.73 7.70
N LEU B 296 -47.32 -0.36 7.54
CA LEU B 296 -47.71 1.06 7.53
C LEU B 296 -47.38 1.70 8.88
N GLY B 297 -47.59 0.95 9.96
CA GLY B 297 -47.37 1.47 11.30
C GLY B 297 -45.90 1.83 11.53
N LYS B 298 -45.01 1.00 11.01
CA LYS B 298 -43.58 1.27 11.14
C LYS B 298 -43.19 2.44 10.24
N LEU B 299 -43.77 2.56 9.07
CA LEU B 299 -43.52 3.76 8.24
C LEU B 299 -43.87 5.02 9.05
N GLN B 300 -45.04 5.00 9.65
CA GLN B 300 -45.51 6.14 10.40
C GLN B 300 -44.64 6.42 11.65
N SER B 301 -44.40 5.42 12.47
CA SER B 301 -43.67 5.64 13.72
C SER B 301 -42.20 6.06 13.52
N THR B 302 -41.58 5.49 12.50
CA THR B 302 -40.14 5.57 12.34
C THR B 302 -39.70 6.49 11.23
N TYR B 303 -40.30 6.34 10.06
CA TYR B 303 -39.82 7.13 8.94
C TYR B 303 -40.58 8.42 8.69
N ILE B 304 -41.69 8.64 9.37
CA ILE B 304 -42.37 9.93 9.36
C ILE B 304 -42.16 10.57 10.71
N GLU B 305 -42.80 10.05 11.77
CA GLU B 305 -42.70 10.72 13.08
C GLU B 305 -41.28 10.75 13.61
N GLY B 306 -40.59 9.62 13.53
CA GLY B 306 -39.26 9.51 14.13
C GLY B 306 -38.27 10.38 13.41
N LEU B 307 -38.41 10.46 12.09
CA LEU B 307 -37.54 11.29 11.24
C LEU B 307 -37.81 12.77 11.53
N LEU B 308 -39.08 13.21 11.55
CA LEU B 308 -39.36 14.61 11.82
C LEU B 308 -38.78 15.06 13.17
N LYS B 309 -38.74 14.14 14.16
CA LYS B 309 -38.24 14.51 15.49
C LYS B 309 -36.75 14.89 15.48
N VAL B 310 -36.01 14.43 14.48
CA VAL B 310 -34.56 14.69 14.43
C VAL B 310 -34.13 15.66 13.33
N VAL B 311 -35.08 16.17 12.56
CA VAL B 311 -34.80 17.25 11.61
C VAL B 311 -34.43 18.54 12.36
N ARG B 312 -33.35 19.20 11.97
CA ARG B 312 -32.98 20.47 12.57
C ARG B 312 -33.84 21.49 11.88
N PRO B 313 -34.69 22.18 12.65
CA PRO B 313 -35.77 22.93 11.98
C PRO B 313 -35.29 24.10 11.10
N ALA B 314 -34.19 24.75 11.46
CA ALA B 314 -33.80 25.94 10.74
C ALA B 314 -33.19 25.62 9.39
N THR B 315 -32.64 24.42 9.23
CA THR B 315 -31.99 24.06 7.98
C THR B 315 -32.71 22.90 7.25
N LYS B 316 -33.67 22.31 7.93
CA LYS B 316 -34.34 21.09 7.45
C LYS B 316 -33.42 19.89 7.17
N LYS B 317 -32.28 19.80 7.87
CA LYS B 317 -31.30 18.73 7.66
C LYS B 317 -31.36 17.73 8.81
N VAL B 318 -31.06 16.47 8.47
CA VAL B 318 -30.85 15.43 9.45
C VAL B 318 -29.38 15.05 9.40
N HIS B 319 -28.80 14.86 10.58
CA HIS B 319 -27.38 14.59 10.73
C HIS B 319 -27.17 13.27 11.47
N THR B 320 -27.00 12.20 10.72
CA THR B 320 -26.70 10.88 11.29
C THR B 320 -25.29 10.85 11.89
N ILE B 321 -25.02 9.82 12.66
CA ILE B 321 -23.67 9.52 13.08
C ILE B 321 -23.34 8.15 12.54
N PHE B 322 -22.27 8.07 11.75
CA PHE B 322 -21.78 6.80 11.25
C PHE B 322 -20.82 6.24 12.28
N ASN B 323 -21.25 5.20 12.99
CA ASN B 323 -20.41 4.54 13.98
CA ASN B 323 -20.41 4.53 13.95
C ASN B 323 -19.40 3.67 13.23
N GLN B 324 -18.15 4.07 13.34
CA GLN B 324 -17.06 3.44 12.60
C GLN B 324 -16.37 2.33 13.42
N ALA B 325 -16.69 2.19 14.71
CA ALA B 325 -15.97 1.23 15.56
C ALA B 325 -16.96 0.36 16.36
N LEU B 326 -17.97 -0.15 15.66
CA LEU B 326 -19.04 -0.91 16.27
C LEU B 326 -19.19 -2.31 15.73
N THR B 327 -19.38 -2.47 14.42
CA THR B 327 -19.74 -3.77 13.89
C THR B 327 -18.56 -4.75 13.95
N GLN B 328 -18.88 -6.04 14.05
CA GLN B 328 -17.86 -7.08 14.17
C GLN B 328 -17.19 -7.45 12.85
N THR B 329 -17.69 -6.94 11.73
CA THR B 329 -17.18 -7.25 10.41
C THR B 329 -16.47 -6.14 9.72
N GLY B 330 -16.55 -4.92 10.25
CA GLY B 330 -15.90 -3.80 9.58
C GLY B 330 -16.84 -2.90 8.85
N ARG B 331 -18.12 -3.23 8.79
CA ARG B 331 -19.12 -2.29 8.30
C ARG B 331 -19.24 -1.08 9.24
N LEU B 332 -19.83 -0.02 8.70
CA LEU B 332 -20.34 1.11 9.46
C LEU B 332 -21.71 0.73 9.99
N SER B 333 -22.15 1.45 10.99
CA SER B 333 -23.57 1.53 11.30
C SER B 333 -23.97 2.99 11.38
N SER B 334 -25.27 3.23 11.43
CA SER B 334 -25.79 4.60 11.37
C SER B 334 -26.91 4.77 12.37
N THR B 335 -26.90 5.87 13.14
CA THR B 335 -27.79 6.04 14.24
C THR B 335 -28.28 7.49 14.38
N GLU B 336 -29.49 7.59 14.91
CA GLU B 336 -30.13 8.85 15.34
C GLU B 336 -30.02 9.97 14.30
N PRO B 337 -30.65 9.81 13.13
CA PRO B 337 -31.44 8.66 12.68
C PRO B 337 -30.56 7.66 11.94
N ASN B 338 -31.02 6.42 11.84
CA ASN B 338 -30.40 5.46 10.93
C ASN B 338 -30.81 5.78 9.50
N LEU B 339 -29.84 6.17 8.68
CA LEU B 339 -30.10 6.49 7.29
C LEU B 339 -29.63 5.35 6.39
N GLN B 340 -29.32 4.22 6.99
CA GLN B 340 -28.97 3.02 6.22
C GLN B 340 -30.08 2.00 6.17
N ASN B 341 -31.24 2.34 6.70
CA ASN B 341 -32.39 1.45 6.60
C ASN B 341 -33.68 2.15 6.15
N ILE B 342 -33.52 3.15 5.29
CA ILE B 342 -34.68 3.86 4.73
C ILE B 342 -35.35 2.94 3.69
N PRO B 343 -36.70 2.82 3.76
CA PRO B 343 -37.37 1.83 2.88
C PRO B 343 -37.09 1.99 1.38
N ILE B 344 -37.04 0.84 0.69
CA ILE B 344 -36.87 0.80 -0.76
C ILE B 344 -37.57 -0.40 -1.38
N ARG B 345 -37.81 -1.45 -0.61
CA ARG B 345 -38.17 -2.74 -1.23
C ARG B 345 -39.64 -2.85 -1.65
N LEU B 346 -40.55 -2.21 -0.93
CA LEU B 346 -41.97 -2.19 -1.25
C LEU B 346 -42.29 -0.75 -1.66
N GLU B 347 -43.09 -0.57 -2.70
CA GLU B 347 -43.33 0.78 -3.22
C GLU B 347 -43.92 1.75 -2.19
N GLU B 348 -44.81 1.30 -1.30
CA GLU B 348 -45.41 2.21 -0.29
C GLU B 348 -44.36 2.86 0.61
N GLY B 349 -43.33 2.10 0.97
CA GLY B 349 -42.32 2.60 1.85
C GLY B 349 -41.30 3.39 1.05
N ARG B 350 -41.05 2.94 -0.16
CA ARG B 350 -40.02 3.57 -0.98
C ARG B 350 -40.32 5.07 -1.14
N LYS B 351 -41.60 5.41 -1.14
CA LYS B 351 -41.98 6.80 -1.37
C LYS B 351 -41.45 7.75 -0.29
N ILE B 352 -41.12 7.22 0.89
CA ILE B 352 -40.44 8.01 1.91
C ILE B 352 -39.23 8.70 1.30
N ARG B 353 -38.52 8.04 0.39
CA ARG B 353 -37.31 8.64 -0.17
C ARG B 353 -37.58 9.92 -0.97
N GLN B 354 -38.83 10.22 -1.30
CA GLN B 354 -39.18 11.47 -1.98
C GLN B 354 -38.91 12.67 -1.09
N ALA B 355 -38.86 12.41 0.21
CA ALA B 355 -38.63 13.47 1.23
C ALA B 355 -37.15 13.82 1.43
N PHE B 356 -36.24 13.05 0.85
CA PHE B 356 -34.80 13.33 0.91
C PHE B 356 -34.34 14.08 -0.35
N VAL B 357 -33.98 15.35 -0.18
CA VAL B 357 -33.78 16.23 -1.31
C VAL B 357 -32.37 16.85 -1.27
N PRO B 358 -31.94 17.44 -2.39
CA PRO B 358 -30.62 18.10 -2.38
C PRO B 358 -30.64 19.32 -1.50
N SER B 359 -29.46 19.67 -0.98
CA SER B 359 -29.37 20.79 -0.03
C SER B 359 -29.36 22.18 -0.67
N GLU B 360 -29.26 22.23 -1.99
CA GLU B 360 -29.22 23.49 -2.71
C GLU B 360 -30.09 23.42 -3.94
N SER B 361 -30.59 24.57 -4.36
CA SER B 361 -31.34 24.64 -5.57
C SER B 361 -30.45 24.24 -6.74
N ASP B 362 -31.08 23.55 -7.65
CA ASP B 362 -30.43 23.17 -8.89
C ASP B 362 -29.32 22.15 -8.70
N TRP B 363 -29.35 21.47 -7.55
CA TRP B 363 -28.52 20.29 -7.31
C TRP B 363 -29.40 19.05 -7.43
N LEU B 364 -28.74 17.88 -7.54
CA LEU B 364 -29.40 16.58 -7.68
C LEU B 364 -28.71 15.55 -6.80
N ILE B 365 -29.44 14.46 -6.52
CA ILE B 365 -28.91 13.34 -5.75
C ILE B 365 -28.37 12.31 -6.75
N PHE B 366 -27.18 11.78 -6.47
CA PHE B 366 -26.54 10.78 -7.32
C PHE B 366 -26.28 9.54 -6.47
N ALA B 367 -26.75 8.36 -6.87
CA ALA B 367 -26.56 7.15 -6.05
C ALA B 367 -25.85 6.07 -6.86
N ALA B 368 -24.80 5.46 -6.34
CA ALA B 368 -24.09 4.38 -7.04
C ALA B 368 -23.94 3.20 -6.13
N ASP B 369 -24.19 2.01 -6.66
CA ASP B 369 -24.10 0.83 -5.82
C ASP B 369 -23.34 -0.29 -6.49
N TYR B 370 -22.53 -1.00 -5.72
CA TYR B 370 -21.93 -2.22 -6.28
C TYR B 370 -23.01 -3.27 -6.49
N SER B 371 -22.90 -4.01 -7.57
CA SER B 371 -23.80 -5.12 -7.87
C SER B 371 -23.16 -6.43 -7.39
N GLN B 372 -23.85 -7.10 -6.45
CA GLN B 372 -23.44 -8.42 -5.92
C GLN B 372 -21.98 -8.48 -5.46
N ILE B 373 -21.52 -7.41 -4.80
CA ILE B 373 -20.13 -7.32 -4.37
C ILE B 373 -19.71 -8.48 -3.46
N GLU B 374 -20.54 -8.91 -2.52
CA GLU B 374 -20.12 -9.96 -1.61
C GLU B 374 -19.90 -11.26 -2.37
N LEU B 375 -20.76 -11.54 -3.34
CA LEU B 375 -20.60 -12.75 -4.16
C LEU B 375 -19.39 -12.66 -5.08
N ARG B 376 -19.08 -11.48 -5.61
CA ARG B 376 -17.88 -11.29 -6.42
C ARG B 376 -16.63 -11.49 -5.54
N VAL B 377 -16.67 -10.95 -4.31
CA VAL B 377 -15.56 -11.11 -3.35
C VAL B 377 -15.37 -12.59 -3.04
N LEU B 378 -16.49 -13.29 -2.84
CA LEU B 378 -16.44 -14.72 -2.56
C LEU B 378 -15.79 -15.49 -3.71
N ALA B 379 -16.16 -15.15 -4.96
CA ALA B 379 -15.63 -15.83 -6.13
C ALA B 379 -14.10 -15.67 -6.13
N HIS B 380 -13.65 -14.46 -5.84
CA HIS B 380 -12.23 -14.12 -5.74
C HIS B 380 -11.49 -14.87 -4.64
N ILE B 381 -12.01 -14.81 -3.42
CA ILE B 381 -11.35 -15.43 -2.27
C ILE B 381 -11.36 -16.96 -2.35
N ALA B 382 -12.50 -17.52 -2.75
CA ALA B 382 -12.63 -18.98 -2.89
C ALA B 382 -11.93 -19.54 -4.13
N GLU B 383 -11.70 -18.67 -5.13
CA GLU B 383 -11.20 -19.08 -6.43
C GLU B 383 -12.03 -20.20 -6.99
N ASP B 384 -13.34 -20.02 -6.95
CA ASP B 384 -14.23 -21.04 -7.48
C ASP B 384 -14.28 -20.79 -8.97
N ASP B 385 -13.87 -21.76 -9.78
CA ASP B 385 -13.76 -21.54 -11.21
C ASP B 385 -15.09 -21.14 -11.86
N ASN B 386 -16.17 -21.83 -11.49
CA ASN B 386 -17.48 -21.55 -12.09
C ASN B 386 -18.06 -20.20 -11.65
N LEU B 387 -17.90 -19.85 -10.37
CA LEU B 387 -18.42 -18.57 -9.90
C LEU B 387 -17.63 -17.40 -10.48
N MET B 388 -16.31 -17.57 -10.65
CA MET B 388 -15.50 -16.54 -11.27
C MET B 388 -15.91 -16.41 -12.74
N GLU B 389 -16.11 -17.53 -13.41
CA GLU B 389 -16.58 -17.50 -14.80
C GLU B 389 -17.91 -16.76 -14.89
N ALA B 390 -18.84 -17.05 -13.97
CA ALA B 390 -20.13 -16.39 -13.97
C ALA B 390 -20.00 -14.87 -13.91
N PHE B 391 -19.19 -14.37 -12.99
CA PHE B 391 -19.06 -12.92 -12.86
C PHE B 391 -18.20 -12.34 -13.99
N ARG B 392 -17.27 -13.11 -14.56
CA ARG B 392 -16.60 -12.62 -15.78
C ARG B 392 -17.56 -12.44 -16.95
N ARG B 393 -18.64 -13.20 -16.97
CA ARG B 393 -19.70 -13.08 -17.99
C ARG B 393 -20.77 -12.04 -17.62
N ASP B 394 -20.55 -11.38 -16.50
CA ASP B 394 -21.53 -10.50 -15.82
C ASP B 394 -22.90 -11.13 -15.75
N LEU B 395 -22.92 -12.40 -15.38
CA LEU B 395 -24.16 -13.12 -15.19
C LEU B 395 -24.82 -12.56 -13.94
N ASP B 396 -26.14 -12.38 -13.99
CA ASP B 396 -26.89 -11.97 -12.81
C ASP B 396 -27.21 -13.24 -12.00
N ILE B 397 -26.51 -13.46 -10.90
CA ILE B 397 -26.65 -14.71 -10.16
C ILE B 397 -28.05 -14.81 -9.53
N HIS B 398 -28.62 -13.67 -9.18
CA HIS B 398 -29.98 -13.73 -8.61
C HIS B 398 -31.02 -14.11 -9.61
N THR B 399 -30.92 -13.58 -10.82
CA THR B 399 -31.84 -14.02 -11.87
C THR B 399 -31.66 -15.49 -12.20
N LYS B 400 -30.41 -15.96 -12.24
CA LYS B 400 -30.13 -17.34 -12.64
C LYS B 400 -30.70 -18.29 -11.59
N THR B 401 -30.54 -17.92 -10.32
CA THR B 401 -31.07 -18.71 -9.22
C THR B 401 -32.61 -18.68 -9.21
N ALA B 402 -33.21 -17.51 -9.49
CA ALA B 402 -34.67 -17.40 -9.54
C ALA B 402 -35.23 -18.31 -10.64
N MET B 403 -34.55 -18.36 -11.79
CA MET B 403 -35.01 -19.20 -12.90
C MET B 403 -35.02 -20.67 -12.51
N ASP B 404 -34.00 -21.07 -11.76
CA ASP B 404 -33.89 -22.45 -11.32
C ASP B 404 -34.97 -22.79 -10.30
N ILE B 405 -35.09 -21.96 -9.28
CA ILE B 405 -36.01 -22.19 -8.17
C ILE B 405 -37.46 -22.22 -8.60
N PHE B 406 -37.83 -21.26 -9.43
CA PHE B 406 -39.22 -21.10 -9.85
C PHE B 406 -39.47 -21.74 -11.20
N GLN B 407 -38.42 -22.34 -11.78
CA GLN B 407 -38.54 -23.01 -13.06
C GLN B 407 -39.28 -22.11 -14.04
N VAL B 408 -38.65 -21.01 -14.40
CA VAL B 408 -39.20 -20.09 -15.36
C VAL B 408 -38.10 -19.50 -16.22
N SER B 409 -38.50 -18.82 -17.29
CA SER B 409 -37.57 -18.19 -18.20
C SER B 409 -37.14 -16.86 -17.62
N GLU B 410 -35.97 -16.40 -18.05
CA GLU B 410 -35.41 -15.14 -17.59
C GLU B 410 -36.45 -14.04 -17.75
N ASP B 411 -37.21 -14.12 -18.84
CA ASP B 411 -38.25 -13.14 -19.14
C ASP B 411 -39.28 -12.97 -18.01
N GLU B 412 -39.73 -14.09 -17.44
CA GLU B 412 -40.83 -14.07 -16.50
C GLU B 412 -40.41 -14.13 -15.03
N VAL B 413 -39.28 -13.52 -14.69
CA VAL B 413 -38.87 -13.44 -13.30
C VAL B 413 -39.40 -12.16 -12.66
N THR B 414 -40.28 -12.29 -11.67
CA THR B 414 -40.80 -11.11 -10.98
C THR B 414 -39.78 -10.56 -9.98
N PRO B 415 -39.93 -9.28 -9.60
CA PRO B 415 -39.04 -8.73 -8.57
C PRO B 415 -39.20 -9.49 -7.26
N ASN B 416 -40.40 -9.99 -7.01
CA ASN B 416 -40.66 -10.78 -5.81
C ASN B 416 -39.82 -12.05 -5.84
N MET B 417 -39.71 -12.64 -7.02
CA MET B 417 -38.92 -13.84 -7.20
C MET B 417 -37.44 -13.54 -7.05
N ARG B 418 -37.01 -12.39 -7.58
CA ARG B 418 -35.57 -12.07 -7.54
C ARG B 418 -35.16 -11.77 -6.12
N ARG B 419 -36.06 -11.14 -5.38
CA ARG B 419 -35.84 -10.86 -3.98
C ARG B 419 -35.66 -12.16 -3.20
N GLN B 420 -36.55 -13.12 -3.45
CA GLN B 420 -36.45 -14.41 -2.79
C GLN B 420 -35.14 -15.09 -3.18
N ALA B 421 -34.75 -14.98 -4.45
CA ALA B 421 -33.50 -15.61 -4.91
C ALA B 421 -32.29 -15.04 -4.20
N LYS B 422 -32.34 -13.76 -3.85
CA LYS B 422 -31.21 -13.12 -3.17
C LYS B 422 -31.00 -13.85 -1.84
N ALA B 423 -32.09 -14.09 -1.11
CA ALA B 423 -31.94 -14.74 0.18
C ALA B 423 -31.48 -16.18 0.03
N VAL B 424 -31.85 -16.82 -1.08
CA VAL B 424 -31.39 -18.18 -1.34
C VAL B 424 -29.87 -18.15 -1.60
N ASN B 425 -29.41 -17.27 -2.47
CA ASN B 425 -27.96 -17.21 -2.78
C ASN B 425 -27.15 -16.87 -1.54
N TYR B 426 -27.51 -15.81 -0.84
CA TYR B 426 -26.73 -15.47 0.35
C TYR B 426 -26.92 -16.53 1.42
N GLY B 427 -28.14 -17.02 1.57
CA GLY B 427 -28.38 -18.07 2.56
C GLY B 427 -27.47 -19.26 2.37
N ILE B 428 -27.44 -19.78 1.14
CA ILE B 428 -26.70 -20.99 0.89
C ILE B 428 -25.20 -20.80 1.13
N VAL B 429 -24.59 -19.75 0.59
CA VAL B 429 -23.14 -19.61 0.71
C VAL B 429 -22.76 -19.40 2.19
N TYR B 430 -23.68 -18.87 2.98
CA TYR B 430 -23.39 -18.56 4.37
C TYR B 430 -23.97 -19.57 5.39
N GLY B 431 -24.37 -20.74 4.88
CA GLY B 431 -24.55 -21.90 5.73
C GLY B 431 -25.98 -22.28 6.11
N ILE B 432 -26.96 -21.77 5.36
CA ILE B 432 -28.35 -22.19 5.63
C ILE B 432 -28.50 -23.71 5.50
N SER B 433 -29.44 -24.30 6.25
CA SER B 433 -29.69 -25.72 6.18
C SER B 433 -30.90 -25.99 5.30
N ASP B 434 -31.13 -27.27 5.00
CA ASP B 434 -32.31 -27.66 4.25
C ASP B 434 -33.59 -27.17 4.95
N TYR B 435 -33.60 -27.22 6.27
CA TYR B 435 -34.78 -26.76 7.00
C TYR B 435 -34.99 -25.26 6.78
N GLY B 436 -33.92 -24.47 6.86
CA GLY B 436 -34.05 -23.05 6.72
C GLY B 436 -34.52 -22.69 5.34
N LEU B 437 -33.96 -23.34 4.33
CA LEU B 437 -34.29 -23.02 2.94
C LEU B 437 -35.74 -23.40 2.61
N ALA B 438 -36.17 -24.55 3.11
CA ALA B 438 -37.53 -25.04 2.87
C ALA B 438 -38.58 -24.11 3.49
N GLN B 439 -38.28 -23.65 4.70
CA GLN B 439 -39.10 -22.66 5.39
C GLN B 439 -39.16 -21.30 4.66
N ASN B 440 -38.06 -20.88 4.03
CA ASN B 440 -38.04 -19.59 3.33
C ASN B 440 -38.82 -19.62 2.02
N LEU B 441 -38.76 -20.75 1.32
CA LEU B 441 -39.37 -20.86 0.01
C LEU B 441 -40.68 -21.61 0.13
N ASN B 442 -41.03 -21.96 1.36
CA ASN B 442 -42.23 -22.72 1.61
C ASN B 442 -42.31 -23.88 0.61
N ILE B 443 -41.19 -24.60 0.51
CA ILE B 443 -41.10 -25.80 -0.33
C ILE B 443 -40.72 -27.00 0.52
N SER B 444 -40.76 -28.17 -0.11
CA SER B 444 -40.49 -29.44 0.56
C SER B 444 -39.05 -29.45 1.03
N ARG B 445 -38.82 -30.02 2.20
CA ARG B 445 -37.47 -30.07 2.76
C ARG B 445 -36.54 -30.95 1.93
N LYS B 446 -37.07 -32.05 1.42
CA LYS B 446 -36.28 -32.94 0.57
C LYS B 446 -35.82 -32.16 -0.65
N GLU B 447 -36.70 -31.36 -1.21
CA GLU B 447 -36.33 -30.53 -2.35
C GLU B 447 -35.26 -29.52 -2.00
N ALA B 448 -35.39 -28.91 -0.82
CA ALA B 448 -34.42 -27.91 -0.39
C ALA B 448 -33.02 -28.51 -0.26
N ALA B 449 -32.94 -29.73 0.28
CA ALA B 449 -31.65 -30.37 0.43
C ALA B 449 -31.03 -30.68 -0.94
N GLU B 450 -31.83 -31.19 -1.87
CA GLU B 450 -31.32 -31.47 -3.21
C GLU B 450 -30.83 -30.19 -3.86
N PHE B 451 -31.52 -29.08 -3.59
CA PHE B 451 -31.10 -27.83 -4.19
C PHE B 451 -29.74 -27.38 -3.65
N ILE B 452 -29.54 -27.52 -2.35
CA ILE B 452 -28.26 -27.16 -1.74
C ILE B 452 -27.13 -28.04 -2.30
N GLU B 453 -27.39 -29.35 -2.46
CA GLU B 453 -26.41 -30.26 -3.05
C GLU B 453 -26.05 -29.80 -4.45
N ARG B 454 -27.06 -29.54 -5.27
CA ARG B 454 -26.79 -29.08 -6.64
C ARG B 454 -26.02 -27.75 -6.67
N TYR B 455 -26.31 -26.85 -5.74
CA TYR B 455 -25.64 -25.56 -5.70
C TYR B 455 -24.15 -25.80 -5.49
N PHE B 456 -23.79 -26.66 -4.53
CA PHE B 456 -22.37 -26.87 -4.30
C PHE B 456 -21.76 -27.82 -5.31
N GLU B 457 -22.58 -28.52 -6.09
CA GLU B 457 -22.03 -29.24 -7.26
C GLU B 457 -21.60 -28.25 -8.33
N SER B 458 -22.35 -27.14 -8.46
CA SER B 458 -22.00 -26.06 -9.39
C SER B 458 -20.81 -25.26 -8.94
N PHE B 459 -20.69 -25.08 -7.62
CA PHE B 459 -19.69 -24.20 -7.03
C PHE B 459 -18.89 -24.97 -5.95
N PRO B 460 -18.12 -25.98 -6.38
CA PRO B 460 -17.41 -26.81 -5.42
C PRO B 460 -16.25 -26.08 -4.75
N GLY B 461 -15.74 -25.02 -5.37
CA GLY B 461 -14.69 -24.25 -4.78
C GLY B 461 -15.18 -23.48 -3.59
N VAL B 462 -16.40 -22.96 -3.68
CA VAL B 462 -17.02 -22.31 -2.54
C VAL B 462 -17.16 -23.29 -1.37
N LYS B 463 -17.63 -24.50 -1.64
CA LYS B 463 -17.75 -25.49 -0.58
C LYS B 463 -16.39 -25.77 0.08
N ARG B 464 -15.35 -25.99 -0.74
CA ARG B 464 -13.99 -26.26 -0.24
C ARG B 464 -13.49 -25.06 0.58
N TYR B 465 -13.69 -23.87 0.05
CA TYR B 465 -13.31 -22.66 0.74
C TYR B 465 -13.96 -22.58 2.11
N MET B 466 -15.27 -22.83 2.19
CA MET B 466 -15.97 -22.75 3.46
C MET B 466 -15.49 -23.78 4.45
N GLU B 467 -15.20 -24.99 3.98
CA GLU B 467 -14.62 -26.00 4.87
C GLU B 467 -13.27 -25.52 5.38
N ASN B 468 -12.44 -25.05 4.46
CA ASN B 468 -11.07 -24.65 4.79
C ASN B 468 -11.03 -23.45 5.75
N ILE B 469 -11.93 -22.51 5.58
CA ILE B 469 -11.82 -21.28 6.37
C ILE B 469 -12.23 -21.58 7.83
N VAL B 470 -13.15 -22.52 8.03
CA VAL B 470 -13.51 -22.96 9.37
C VAL B 470 -12.32 -23.63 10.05
N GLN B 471 -11.66 -24.51 9.32
CA GLN B 471 -10.46 -25.17 9.85
C GLN B 471 -9.37 -24.15 10.19
N GLU B 472 -9.22 -23.15 9.33
CA GLU B 472 -8.20 -22.12 9.52
C GLU B 472 -8.50 -21.32 10.77
N ALA B 473 -9.77 -20.96 10.95
CA ALA B 473 -10.17 -20.22 12.14
C ALA B 473 -9.91 -21.01 13.42
N LYS B 474 -10.13 -22.32 13.39
CA LYS B 474 -9.84 -23.18 14.51
C LYS B 474 -8.34 -23.15 14.83
N GLN B 475 -7.51 -23.16 13.79
CA GLN B 475 -6.05 -23.24 13.98
C GLN B 475 -5.47 -21.90 14.47
N LYS B 476 -5.90 -20.80 13.87
CA LYS B 476 -5.29 -19.49 14.15
C LYS B 476 -5.99 -18.77 15.28
N GLY B 477 -7.28 -19.06 15.47
CA GLY B 477 -8.11 -18.36 16.45
C GLY B 477 -8.91 -17.16 15.93
N TYR B 478 -8.78 -16.85 14.66
CA TYR B 478 -9.41 -15.69 14.08
C TYR B 478 -9.52 -15.87 12.58
N VAL B 479 -10.29 -14.99 11.96
CA VAL B 479 -10.35 -14.87 10.52
C VAL B 479 -10.03 -13.44 10.11
N THR B 480 -9.68 -13.24 8.84
CA THR B 480 -9.27 -11.91 8.35
C THR B 480 -9.94 -11.57 7.05
N THR B 481 -9.91 -10.30 6.71
CA THR B 481 -10.43 -9.80 5.44
C THR B 481 -9.29 -9.49 4.49
N LEU B 482 -9.63 -9.13 3.25
CA LEU B 482 -8.63 -8.82 2.23
C LEU B 482 -7.67 -7.74 2.67
N LEU B 483 -8.16 -6.70 3.38
CA LEU B 483 -7.25 -5.62 3.81
C LEU B 483 -6.82 -5.81 5.29
N HIS B 484 -6.92 -7.04 5.78
CA HIS B 484 -6.36 -7.45 7.08
C HIS B 484 -7.14 -7.10 8.35
N ARG B 485 -8.41 -6.79 8.20
CA ARG B 485 -9.28 -6.71 9.36
C ARG B 485 -9.35 -8.07 10.01
N ARG B 486 -9.51 -8.14 11.33
CA ARG B 486 -9.62 -9.46 11.96
C ARG B 486 -10.81 -9.59 12.92
N ARG B 487 -11.23 -10.80 13.12
CA ARG B 487 -12.27 -11.09 14.10
C ARG B 487 -11.88 -12.38 14.76
N TYR B 488 -11.69 -12.32 16.07
CA TYR B 488 -11.41 -13.53 16.87
C TYR B 488 -12.67 -14.37 17.07
N LEU B 489 -12.51 -15.69 17.04
CA LEU B 489 -13.64 -16.62 17.17
C LEU B 489 -13.37 -17.69 18.23
N PRO B 490 -13.19 -17.25 19.49
CA PRO B 490 -12.94 -18.26 20.54
C PRO B 490 -14.01 -19.34 20.65
N ASP B 491 -15.24 -19.10 20.21
CA ASP B 491 -16.31 -20.10 20.32
C ASP B 491 -16.18 -21.22 19.31
N ILE B 492 -15.27 -21.07 18.35
CA ILE B 492 -15.15 -22.04 17.29
C ILE B 492 -14.53 -23.33 17.84
N THR B 493 -13.99 -23.27 19.06
CA THR B 493 -13.47 -24.47 19.76
C THR B 493 -14.38 -24.93 20.91
N SER B 494 -15.57 -24.37 20.99
CA SER B 494 -16.50 -24.70 22.06
C SER B 494 -16.93 -26.15 21.95
N ARG B 495 -17.21 -26.78 23.08
CA ARG B 495 -17.71 -28.14 23.04
C ARG B 495 -19.22 -28.17 22.86
N ASN B 496 -19.88 -27.03 23.05
CA ASN B 496 -21.31 -26.91 22.80
C ASN B 496 -21.58 -26.78 21.32
N PHE B 497 -22.31 -27.73 20.75
CA PHE B 497 -22.55 -27.78 19.30
C PHE B 497 -23.16 -26.47 18.76
N ASN B 498 -24.18 -25.96 19.43
CA ASN B 498 -24.88 -24.77 18.96
C ASN B 498 -23.96 -23.53 18.94
N VAL B 499 -23.22 -23.34 20.03
CA VAL B 499 -22.26 -22.25 20.13
C VAL B 499 -21.15 -22.35 19.06
N ARG B 500 -20.60 -23.53 18.92
CA ARG B 500 -19.55 -23.76 17.95
C ARG B 500 -20.09 -23.55 16.53
N SER B 501 -21.30 -24.02 16.25
CA SER B 501 -21.89 -23.86 14.91
C SER B 501 -22.10 -22.39 14.53
N PHE B 502 -22.46 -21.57 15.49
CA PHE B 502 -22.62 -20.14 15.20
C PHE B 502 -21.26 -19.55 14.85
N ALA B 503 -20.23 -19.96 15.59
CA ALA B 503 -18.89 -19.46 15.32
C ALA B 503 -18.37 -19.93 13.93
N GLU B 504 -18.64 -21.17 13.56
CA GLU B 504 -18.28 -21.66 12.21
C GLU B 504 -18.92 -20.80 11.12
N ARG B 505 -20.18 -20.45 11.29
CA ARG B 505 -20.86 -19.58 10.34
C ARG B 505 -20.30 -18.17 10.31
N MET B 506 -19.84 -17.64 11.45
CA MET B 506 -19.13 -16.36 11.42
C MET B 506 -17.83 -16.49 10.62
N ALA B 507 -17.14 -17.63 10.74
CA ALA B 507 -15.93 -17.79 9.96
C ALA B 507 -16.22 -17.80 8.45
N MET B 508 -17.39 -18.32 8.06
CA MET B 508 -17.85 -18.30 6.67
C MET B 508 -18.23 -16.92 6.15
N ASN B 509 -18.83 -16.12 7.00
CA ASN B 509 -19.42 -14.86 6.57
C ASN B 509 -18.52 -13.65 6.76
N THR B 510 -17.83 -13.60 7.92
CA THR B 510 -17.07 -12.37 8.26
C THR B 510 -16.03 -11.95 7.19
N PRO B 511 -15.23 -12.89 6.66
CA PRO B 511 -14.20 -12.45 5.71
C PRO B 511 -14.84 -11.88 4.45
N ILE B 512 -16.04 -12.32 4.11
CA ILE B 512 -16.66 -11.87 2.85
C ILE B 512 -17.34 -10.53 3.05
N GLN B 513 -18.24 -10.47 4.02
CA GLN B 513 -18.88 -9.20 4.34
C GLN B 513 -17.87 -8.11 4.70
N GLY B 514 -16.84 -8.50 5.44
CA GLY B 514 -15.83 -7.57 5.90
C GLY B 514 -14.96 -7.10 4.77
N SER B 515 -14.61 -7.98 3.85
CA SER B 515 -13.82 -7.56 2.69
C SER B 515 -14.60 -6.57 1.81
N ALA B 516 -15.90 -6.82 1.61
CA ALA B 516 -16.76 -5.89 0.90
C ALA B 516 -16.79 -4.53 1.61
N ALA B 517 -16.74 -4.54 2.94
CA ALA B 517 -16.69 -3.27 3.69
C ALA B 517 -15.36 -2.57 3.44
N ASP B 518 -14.29 -3.33 3.47
CA ASP B 518 -12.97 -2.78 3.19
C ASP B 518 -12.95 -2.05 1.82
N ILE B 519 -13.50 -2.69 0.81
CA ILE B 519 -13.44 -2.16 -0.55
C ILE B 519 -14.19 -0.83 -0.66
N ILE B 520 -15.41 -0.77 -0.13
CA ILE B 520 -16.18 0.49 -0.27
C ILE B 520 -15.55 1.62 0.53
N LYS B 521 -14.96 1.31 1.68
CA LYS B 521 -14.18 2.32 2.41
C LYS B 521 -13.05 2.90 1.58
N LYS B 522 -12.27 2.03 0.93
CA LYS B 522 -11.18 2.47 0.06
C LYS B 522 -11.75 3.33 -1.07
N ALA B 523 -12.87 2.91 -1.61
CA ALA B 523 -13.52 3.63 -2.70
C ALA B 523 -13.90 5.04 -2.28
N MET B 524 -14.33 5.21 -1.03
CA MET B 524 -14.74 6.53 -0.53
C MET B 524 -13.56 7.47 -0.49
N ILE B 525 -12.40 6.97 -0.04
CA ILE B 525 -11.17 7.76 0.01
C ILE B 525 -10.72 8.11 -1.39
N ASP B 526 -10.71 7.11 -2.27
CA ASP B 526 -10.32 7.37 -3.64
C ASP B 526 -11.26 8.36 -4.34
N LEU B 527 -12.56 8.25 -4.06
CA LEU B 527 -13.54 9.14 -4.65
C LEU B 527 -13.31 10.60 -4.22
N ASN B 528 -13.17 10.81 -2.94
CA ASN B 528 -12.91 12.19 -2.50
C ASN B 528 -11.66 12.79 -3.08
N ALA B 529 -10.61 11.98 -3.25
CA ALA B 529 -9.40 12.48 -3.88
C ALA B 529 -9.67 12.91 -5.34
N ARG B 530 -10.45 12.11 -6.07
CA ARG B 530 -10.76 12.45 -7.45
C ARG B 530 -11.65 13.65 -7.54
N LEU B 531 -12.64 13.76 -6.66
CA LEU B 531 -13.53 14.94 -6.67
C LEU B 531 -12.74 16.22 -6.46
N LYS B 532 -11.76 16.15 -5.58
CA LYS B 532 -10.91 17.31 -5.30
C LYS B 532 -10.01 17.63 -6.48
N GLU B 533 -9.41 16.61 -7.07
CA GLU B 533 -8.56 16.80 -8.26
C GLU B 533 -9.33 17.49 -9.40
N GLU B 534 -10.58 17.10 -9.59
CA GLU B 534 -11.41 17.62 -10.66
C GLU B 534 -12.11 18.93 -10.28
N ARG B 535 -11.91 19.38 -9.04
CA ARG B 535 -12.49 20.62 -8.54
C ARG B 535 -14.00 20.63 -8.67
N LEU B 536 -14.62 19.50 -8.36
CA LEU B 536 -16.08 19.40 -8.35
C LEU B 536 -16.67 19.78 -6.99
N GLN B 537 -17.86 20.33 -7.03
CA GLN B 537 -18.61 20.66 -5.82
C GLN B 537 -19.29 19.44 -5.21
N ALA B 538 -19.49 18.39 -6.02
CA ALA B 538 -20.10 17.16 -5.57
C ALA B 538 -19.49 16.64 -4.27
N HIS B 539 -20.34 16.16 -3.37
CA HIS B 539 -19.86 15.59 -2.13
C HIS B 539 -20.73 14.45 -1.65
N LEU B 540 -20.07 13.54 -0.95
CA LEU B 540 -20.74 12.41 -0.30
C LEU B 540 -21.71 12.88 0.76
N LEU B 541 -22.86 12.22 0.81
CA LEU B 541 -23.81 12.36 1.88
C LEU B 541 -23.93 11.12 2.72
N LEU B 542 -24.05 9.93 2.10
CA LEU B 542 -24.30 8.70 2.85
C LEU B 542 -23.54 7.55 2.26
N GLN B 543 -23.25 6.58 3.10
CA GLN B 543 -22.84 5.25 2.66
C GLN B 543 -23.87 4.26 3.19
N VAL B 544 -24.30 3.32 2.34
CA VAL B 544 -25.25 2.28 2.75
C VAL B 544 -24.71 0.88 2.41
N HIS B 545 -23.54 0.60 2.98
CA HIS B 545 -22.85 -0.71 2.94
C HIS B 545 -22.21 -1.06 1.61
N ASP B 546 -22.98 -1.03 0.55
CA ASP B 546 -22.46 -1.24 -0.80
C ASP B 546 -22.87 -0.12 -1.76
N GLU B 547 -23.30 1.02 -1.22
CA GLU B 547 -23.81 2.12 -2.01
CA GLU B 547 -23.83 2.15 -1.99
C GLU B 547 -23.26 3.41 -1.44
N LEU B 548 -23.01 4.35 -2.34
CA LEU B 548 -22.61 5.73 -2.01
C LEU B 548 -23.64 6.71 -2.59
N ILE B 549 -24.08 7.66 -1.77
CA ILE B 549 -25.09 8.67 -2.16
C ILE B 549 -24.39 10.00 -2.07
N LEU B 550 -24.41 10.76 -3.17
CA LEU B 550 -23.82 12.10 -3.24
C LEU B 550 -24.89 13.11 -3.58
N GLU B 551 -24.57 14.40 -3.45
CA GLU B 551 -25.34 15.43 -4.11
C GLU B 551 -24.36 16.33 -4.85
N ALA B 552 -24.81 16.96 -5.91
CA ALA B 552 -23.95 17.84 -6.71
C ALA B 552 -24.76 18.78 -7.59
N PRO B 553 -24.14 19.86 -8.07
CA PRO B 553 -24.82 20.70 -9.05
C PRO B 553 -25.28 19.89 -10.27
N LYS B 554 -26.42 20.23 -10.85
CA LYS B 554 -26.91 19.49 -12.00
C LYS B 554 -25.86 19.47 -13.11
N GLU B 555 -25.08 20.55 -13.21
CA GLU B 555 -24.04 20.66 -14.26
C GLU B 555 -22.88 19.65 -14.09
N GLU B 556 -22.81 18.96 -12.96
CA GLU B 556 -21.75 18.00 -12.71
C GLU B 556 -22.18 16.54 -12.97
N MET B 557 -23.46 16.30 -13.26
CA MET B 557 -23.93 14.93 -13.33
C MET B 557 -23.22 14.14 -14.44
N GLU B 558 -23.04 14.76 -15.59
CA GLU B 558 -22.46 14.00 -16.69
C GLU B 558 -21.08 13.51 -16.31
N ARG B 559 -20.30 14.38 -15.71
CA ARG B 559 -18.97 13.98 -15.23
C ARG B 559 -19.01 12.93 -14.14
N LEU B 560 -19.97 13.04 -13.21
CA LEU B 560 -20.06 12.03 -12.15
C LEU B 560 -20.47 10.63 -12.69
N CYS B 561 -21.28 10.61 -13.75
CA CYS B 561 -21.70 9.35 -14.37
C CYS B 561 -20.49 8.53 -14.83
N ARG B 562 -19.41 9.22 -15.19
CA ARG B 562 -18.19 8.53 -15.60
C ARG B 562 -17.25 8.31 -14.43
N LEU B 563 -17.12 9.34 -13.61
CA LEU B 563 -16.13 9.32 -12.53
C LEU B 563 -16.46 8.37 -11.39
N VAL B 564 -17.67 8.44 -10.86
CA VAL B 564 -18.00 7.68 -9.68
C VAL B 564 -17.94 6.17 -9.88
N PRO B 565 -18.58 5.66 -10.93
CA PRO B 565 -18.45 4.19 -11.13
C PRO B 565 -17.02 3.71 -11.35
N GLU B 566 -16.26 4.47 -12.13
CA GLU B 566 -14.85 4.11 -12.39
C GLU B 566 -14.04 4.06 -11.11
N VAL B 567 -14.17 5.06 -10.27
CA VAL B 567 -13.45 5.04 -9.00
C VAL B 567 -13.85 3.86 -8.13
N MET B 568 -15.15 3.60 -8.03
CA MET B 568 -15.61 2.46 -7.23
C MET B 568 -15.14 1.12 -7.80
N GLU B 569 -15.28 0.94 -9.09
CA GLU B 569 -14.88 -0.31 -9.74
C GLU B 569 -13.38 -0.60 -9.61
N GLN B 570 -12.57 0.46 -9.55
CA GLN B 570 -11.12 0.34 -9.55
C GLN B 570 -10.50 0.41 -8.13
N ALA B 571 -11.34 0.48 -7.11
CA ALA B 571 -10.80 0.56 -5.75
C ALA B 571 -9.85 -0.57 -5.41
N VAL B 572 -10.19 -1.78 -5.84
CA VAL B 572 -9.29 -2.92 -5.71
C VAL B 572 -9.37 -3.71 -7.01
N THR B 573 -8.37 -4.56 -7.26
CA THR B 573 -8.34 -5.43 -8.43
C THR B 573 -8.47 -6.86 -7.98
N LEU B 574 -9.59 -7.47 -8.33
CA LEU B 574 -9.85 -8.85 -8.00
C LEU B 574 -9.72 -9.73 -9.25
N ARG B 575 -9.94 -11.02 -9.05
CA ARG B 575 -9.91 -12.02 -10.11
C ARG B 575 -11.18 -11.97 -10.93
N VAL B 576 -12.16 -11.18 -10.48
CA VAL B 576 -13.36 -10.89 -11.26
C VAL B 576 -13.55 -9.38 -11.30
N PRO B 577 -14.30 -8.88 -12.29
CA PRO B 577 -14.59 -7.43 -12.28
C PRO B 577 -15.49 -7.01 -11.14
N LEU B 578 -15.38 -5.75 -10.70
CA LEU B 578 -16.44 -5.12 -9.89
C LEU B 578 -17.34 -4.32 -10.84
N LYS B 579 -18.64 -4.36 -10.55
CA LYS B 579 -19.63 -3.69 -11.36
C LYS B 579 -20.41 -2.72 -10.48
N VAL B 580 -20.64 -1.52 -11.01
CA VAL B 580 -21.35 -0.48 -10.26
C VAL B 580 -22.49 0.04 -11.12
N ASP B 581 -23.66 0.10 -10.53
CA ASP B 581 -24.82 0.71 -11.14
C ASP B 581 -25.03 2.08 -10.54
N TYR B 582 -25.68 2.96 -11.27
CA TYR B 582 -25.80 4.34 -10.78
C TYR B 582 -27.00 5.04 -11.41
N HIS B 583 -27.56 5.99 -10.67
CA HIS B 583 -28.76 6.72 -11.08
C HIS B 583 -28.74 8.09 -10.42
N TYR B 584 -29.46 9.06 -11.00
CA TYR B 584 -29.55 10.37 -10.35
C TYR B 584 -30.91 10.98 -10.55
N GLY B 585 -31.25 11.92 -9.68
CA GLY B 585 -32.51 12.62 -9.85
C GLY B 585 -32.72 13.67 -8.80
N SER B 586 -33.92 14.24 -8.79
CA SER B 586 -34.18 15.41 -7.98
C SER B 586 -34.50 15.06 -6.55
N THR B 587 -34.77 13.78 -6.24
CA THR B 587 -34.88 13.32 -4.86
C THR B 587 -34.20 11.96 -4.76
N TRP B 588 -33.96 11.48 -3.55
CA TRP B 588 -33.36 10.18 -3.38
C TRP B 588 -34.22 9.09 -4.05
N TYR B 589 -35.54 9.21 -3.97
CA TYR B 589 -36.48 8.29 -4.62
C TYR B 589 -36.23 8.21 -6.12
N ASP B 590 -35.98 9.36 -6.72
CA ASP B 590 -35.79 9.45 -8.15
C ASP B 590 -34.44 9.00 -8.62
N ALA B 591 -33.49 8.85 -7.71
CA ALA B 591 -32.17 8.38 -8.10
C ALA B 591 -32.20 6.86 -8.23
N LYS B 592 -32.97 6.42 -9.23
CA LYS B 592 -33.19 5.00 -9.54
C LYS B 592 -33.29 4.77 -11.04
P DDG C 9 31.17 -12.53 -12.29
OP1 DDG C 9 32.49 -12.48 -11.58
OP2 DDG C 9 30.72 -13.70 -13.05
O5' DDG C 9 30.02 -12.07 -11.29
C5' DDG C 9 30.22 -11.13 -10.27
C4' DDG C 9 28.96 -11.01 -9.45
O4' DDG C 9 27.86 -10.60 -10.30
C3' DDG C 9 28.49 -12.33 -8.87
C2' DDG C 9 27.02 -11.98 -8.63
C1' DDG C 9 26.65 -11.15 -9.85
N9 DDG C 9 26.11 -11.94 -10.93
C8 DDG C 9 26.81 -12.53 -11.96
N7 DDG C 9 26.05 -13.19 -12.79
C5 DDG C 9 24.76 -13.01 -12.27
C6 DDG C 9 23.50 -13.48 -12.75
O6 DDG C 9 23.28 -14.21 -13.74
N1 DDG C 9 22.46 -13.08 -11.91
C2 DDG C 9 22.58 -12.29 -10.79
N2 DDG C 9 21.46 -11.98 -10.12
N3 DDG C 9 23.74 -11.85 -10.34
C4 DDG C 9 24.79 -12.24 -11.13
H5' DDG C 9 30.44 -10.25 -10.67
H5'' DDG C 9 30.96 -11.41 -9.70
H4' DDG C 9 29.09 -10.35 -8.74
H2' DDG C 9 26.47 -12.79 -8.59
H2'' DDG C 9 26.92 -11.45 -7.81
H1' DDG C 9 26.03 -10.43 -9.60
H8 DDG C 9 27.79 -12.47 -12.06
H1 DDG C 9 21.55 -13.36 -12.16
H21 DDG C 9 21.50 -11.44 -9.30
H22 DDG C 9 20.58 -12.30 -10.44
P DDG E 9 -31.45 -2.17 0.58
OP1 DDG E 9 -31.29 -1.29 -0.60
OP2 DDG E 9 -32.28 -3.41 0.51
O5' DDG E 9 -30.01 -2.70 1.07
C5' DDG E 9 -28.94 -1.77 1.23
C4' DDG E 9 -27.70 -2.52 1.65
O4' DDG E 9 -27.87 -3.03 2.99
C3' DDG E 9 -27.33 -3.74 0.83
C2' DDG E 9 -26.50 -4.51 1.85
C1' DDG E 9 -27.18 -4.24 3.18
N9 DDG E 9 -28.15 -5.26 3.55
C8 DDG E 9 -29.50 -5.25 3.28
N7 DDG E 9 -30.14 -6.28 3.72
C5 DDG E 9 -29.15 -7.01 4.36
C6 DDG E 9 -29.22 -8.23 5.04
O6 DDG E 9 -30.21 -8.96 5.23
N1 DDG E 9 -27.96 -8.60 5.51
C2 DDG E 9 -26.79 -7.93 5.35
N2 DDG E 9 -25.68 -8.49 5.88
N3 DDG E 9 -26.72 -6.78 4.72
C4 DDG E 9 -27.93 -6.39 4.26
H5' DDG E 9 -29.17 -1.11 1.91
H5'' DDG E 9 -28.76 -1.31 0.38
H4' DDG E 9 -26.93 -1.90 1.64
H2' DDG E 9 -26.51 -5.47 1.64
H2'' DDG E 9 -25.57 -4.18 1.86
H1' DDG E 9 -26.51 -4.14 3.89
H8 DDG E 9 -29.94 -4.53 2.78
H1 DDG E 9 -27.91 -9.46 6.00
H21 DDG E 9 -24.81 -8.05 5.80
H22 DDG E 9 -25.74 -9.35 6.35
PG DG3 G . 34.04 -19.20 -7.36
O1G DG3 G . 34.11 -20.30 -8.43
O2G DG3 G . 34.73 -17.99 -7.88
O3G DG3 G . 34.66 -19.65 -6.11
O3B DG3 G . 32.52 -18.83 -7.11
PB DG3 G . 31.74 -19.43 -5.81
O1B DG3 G . 32.26 -20.85 -5.53
O2B DG3 G . 32.02 -18.56 -4.63
O3A DG3 G . 30.20 -19.47 -6.13
PA DG3 G . 29.24 -18.24 -6.34
O1A DG3 G . 29.57 -17.19 -5.33
O2A DG3 G . 27.83 -18.79 -6.00
O5' DG3 G . 29.28 -17.70 -7.85
C5' DG3 G . 28.18 -17.16 -8.57
C4' DG3 G . 28.03 -17.35 -10.03
O4' DG3 G . 26.81 -18.02 -10.33
C3' DG3 G . 27.93 -16.04 -10.77
C2' DG3 G . 26.97 -16.27 -11.87
C1' DG3 G . 26.10 -17.39 -11.44
N9 DG3 G . 24.71 -17.01 -11.10
C8 DG3 G . 23.61 -17.37 -11.76
N7 DG3 G . 22.53 -16.88 -11.14
C5 DG3 G . 22.93 -16.19 -10.05
C6 DG3 G . 22.30 -15.47 -9.01
O6 DG3 G . 20.92 -15.30 -8.95
N1 DG3 G . 23.06 -14.86 -8.07
C2 DG3 G . 24.40 -15.01 -8.09
N2 DG3 G . 25.19 -14.39 -7.06
N3 DG3 G . 25.03 -15.68 -9.06
C4 DG3 G . 24.33 -16.27 -10.03
C1 MPD H . 41.78 7.05 -26.23
C2 MPD H . 42.56 8.24 -25.67
O2 MPD H . 43.48 8.67 -26.72
CM MPD H . 41.64 9.45 -25.42
C3 MPD H . 43.17 7.79 -24.33
C4 MPD H . 44.64 8.03 -23.95
O4 MPD H . 45.31 8.98 -24.73
C5 MPD H . 44.76 8.41 -22.47
H11 MPD H . 41.85 6.21 -25.56
H12 MPD H . 42.19 6.79 -27.21
H13 MPD H . 40.73 7.33 -26.36
HO2 MPD H . 44.41 8.59 -26.39
HM1 MPD H . 41.64 9.68 -24.36
HM2 MPD H . 42.01 10.30 -25.99
HM3 MPD H . 40.63 9.19 -25.74
H31 MPD H . 43.00 6.71 -24.26
H32 MPD H . 42.57 8.24 -23.54
H4 MPD H . 45.16 7.06 -24.07
HO4 MPD H . 46.25 8.73 -24.82
H51 MPD H . 45.32 9.33 -22.38
H52 MPD H . 45.26 7.61 -21.92
H53 MPD H . 43.75 8.55 -22.06
PG DG3 I . -30.20 -4.96 -7.25
O1G DG3 I . -31.26 -6.04 -7.42
O2G DG3 I . -30.77 -3.80 -6.51
O3G DG3 I . -29.70 -4.48 -8.56
O3B DG3 I . -29.02 -5.49 -6.31
PB DG3 I . -27.92 -6.53 -6.83
O1B DG3 I . -28.31 -7.05 -8.16
O2B DG3 I . -26.61 -5.79 -6.99
O3A DG3 I . -27.77 -7.69 -5.85
PA DG3 I . -27.33 -7.61 -4.36
O1A DG3 I . -26.32 -6.50 -4.41
O2A DG3 I . -26.63 -8.95 -4.20
O5' DG3 I . -28.56 -7.64 -3.34
C5' DG3 I . -28.66 -7.41 -1.92
C4' DG3 I . -29.89 -7.85 -1.21
O4' DG3 I . -29.88 -9.20 -0.81
C3' DG3 I . -30.18 -7.09 0.08
C2' DG3 I . -30.90 -8.06 0.94
C1' DG3 I . -30.41 -9.42 0.53
N9 DG3 I . -29.43 -10.07 1.43
C8 DG3 I . -29.64 -11.10 2.25
N7 DG3 I . -28.50 -11.44 2.89
C5 DG3 I . -27.55 -10.57 2.51
C6 DG3 I . -26.21 -10.39 2.83
O6 DG3 I . -25.62 -11.22 3.72
N1 DG3 I . -25.48 -9.43 2.26
C2 DG3 I . -26.06 -8.63 1.38
N2 DG3 I . -25.24 -7.63 0.79
N3 DG3 I . -27.38 -8.74 1.05
C4 DG3 I . -28.12 -9.71 1.58
S SO4 J . -22.43 -22.92 -19.90
O1 SO4 J . -22.74 -24.00 -18.95
O2 SO4 J . -22.96 -21.66 -19.38
O3 SO4 J . -20.97 -22.89 -20.05
O4 SO4 J . -23.11 -23.25 -21.16
#